data_419D
# 
_entry.id   419D 
# 
_audit_conform.dict_name       mmcif_pdbx.dic 
_audit_conform.dict_version    5.389 
_audit_conform.dict_location   http://mmcif.pdb.org/dictionaries/ascii/mmcif_pdbx.dic 
# 
loop_
_database_2.database_id 
_database_2.database_code 
_database_2.pdbx_database_accession 
_database_2.pdbx_DOI 
PDB   419D         pdb_0000419d 10.2210/pdb419d/pdb 
NDB   DR0002       ?            ?                   
RCSB  RCSB001350   ?            ?                   
WWPDB D_1000001350 ?            ?                   
# 
loop_
_pdbx_audit_revision_history.ordinal 
_pdbx_audit_revision_history.data_content_type 
_pdbx_audit_revision_history.major_revision 
_pdbx_audit_revision_history.minor_revision 
_pdbx_audit_revision_history.revision_date 
1 'Structure model' 1 0 2000-05-29 
2 'Structure model' 1 1 2008-04-26 
3 'Structure model' 1 2 2011-07-13 
4 'Structure model' 1 3 2017-10-04 
5 'Structure model' 1 4 2023-12-27 
6 'Structure model' 1 5 2024-04-03 
# 
_pdbx_audit_revision_details.ordinal             1 
_pdbx_audit_revision_details.revision_ordinal    1 
_pdbx_audit_revision_details.data_content_type   'Structure model' 
_pdbx_audit_revision_details.provider            repository 
_pdbx_audit_revision_details.type                'Initial release' 
_pdbx_audit_revision_details.description         ? 
_pdbx_audit_revision_details.details             ? 
# 
loop_
_pdbx_audit_revision_group.ordinal 
_pdbx_audit_revision_group.revision_ordinal 
_pdbx_audit_revision_group.data_content_type 
_pdbx_audit_revision_group.group 
1 2 'Structure model' 'Version format compliance' 
2 3 'Structure model' 'Version format compliance' 
3 4 'Structure model' 'Refinement description'    
4 5 'Structure model' 'Data collection'           
5 5 'Structure model' 'Database references'       
6 6 'Structure model' 'Refinement description'    
# 
loop_
_pdbx_audit_revision_category.ordinal 
_pdbx_audit_revision_category.revision_ordinal 
_pdbx_audit_revision_category.data_content_type 
_pdbx_audit_revision_category.category 
1 4 'Structure model' software                      
2 5 'Structure model' chem_comp_atom                
3 5 'Structure model' chem_comp_bond                
4 5 'Structure model' database_2                    
5 6 'Structure model' pdbx_initial_refinement_model 
# 
loop_
_pdbx_audit_revision_item.ordinal 
_pdbx_audit_revision_item.revision_ordinal 
_pdbx_audit_revision_item.data_content_type 
_pdbx_audit_revision_item.item 
1 5 'Structure model' '_database_2.pdbx_DOI'                
2 5 'Structure model' '_database_2.pdbx_database_accession' 
# 
_pdbx_database_status.status_code                     REL 
_pdbx_database_status.entry_id                        419D 
_pdbx_database_status.recvd_initial_deposition_date   1998-08-12 
_pdbx_database_status.deposit_site                    NDB 
_pdbx_database_status.process_site                    NDB 
_pdbx_database_status.status_code_sf                  REL 
_pdbx_database_status.SG_entry                        . 
_pdbx_database_status.status_code_mr                  ? 
_pdbx_database_status.pdb_format_compatible           Y 
_pdbx_database_status.status_code_cs                  ? 
_pdbx_database_status.methods_development_category    ? 
_pdbx_database_status.status_code_nmr_data            ? 
# 
loop_
_audit_author.name 
_audit_author.pdbx_ordinal 
'Mitra, S.M.'       1 
'Shi, K.'           2 
'Biswas, R.'        3 
'Sundaralingam, M.' 4 
# 
_citation.id                        primary 
_citation.title                     
;The crystal structure of the octamer [r(guauaca)dC]2 with six Watson-Crick base-pairs and two 3' overhang residues.
;
_citation.journal_abbrev            J.Mol.Biol. 
_citation.journal_volume            299 
_citation.page_first                113 
_citation.page_last                 122 
_citation.year                      2000 
_citation.journal_id_ASTM           JMOBAK 
_citation.country                   UK 
_citation.journal_id_ISSN           0022-2836 
_citation.journal_id_CSD            0070 
_citation.book_publisher            ? 
_citation.pdbx_database_id_PubMed   10860726 
_citation.pdbx_database_id_DOI      10.1006/jmbi.2000.3751 
# 
loop_
_citation_author.citation_id 
_citation_author.name 
_citation_author.ordinal 
_citation_author.identifier_ORCID 
primary 'Shi, K.'           1 ? 
primary 'Biswas, R.'        2 ? 
primary 'Mitra, S.N.'       3 ? 
primary 'Sundaralingam, M.' 4 ? 
# 
loop_
_entity.id 
_entity.type 
_entity.src_method 
_entity.pdbx_description 
_entity.formula_weight 
_entity.pdbx_number_of_molecules 
_entity.pdbx_ec 
_entity.pdbx_mutation 
_entity.pdbx_fragment 
_entity.details 
1 polymer syn 
;DNA/RNA (5'-R(*GP*UP*AP*UP*AP*CP*A)-D(P*C)-3')
;
2494.561 4  ? ? ? ? 
2 water   nat water                                            18.015   63 ? ? ? ? 
# 
_entity_poly.entity_id                      1 
_entity_poly.type                           'polydeoxyribonucleotide/polyribonucleotide hybrid' 
_entity_poly.nstd_linkage                   no 
_entity_poly.nstd_monomer                   no 
_entity_poly.pdbx_seq_one_letter_code       'GUAUACA(DC)' 
_entity_poly.pdbx_seq_one_letter_code_can   GUAUACAC 
_entity_poly.pdbx_strand_id                 A,B,C,D 
_entity_poly.pdbx_target_identifier         ? 
# 
_pdbx_entity_nonpoly.entity_id   2 
_pdbx_entity_nonpoly.name        water 
_pdbx_entity_nonpoly.comp_id     HOH 
# 
loop_
_entity_poly_seq.entity_id 
_entity_poly_seq.num 
_entity_poly_seq.mon_id 
_entity_poly_seq.hetero 
1 1 G  n 
1 2 U  n 
1 3 A  n 
1 4 U  n 
1 5 A  n 
1 6 C  n 
1 7 A  n 
1 8 DC n 
# 
loop_
_chem_comp.id 
_chem_comp.type 
_chem_comp.mon_nstd_flag 
_chem_comp.name 
_chem_comp.pdbx_synonyms 
_chem_comp.formula 
_chem_comp.formula_weight 
A   'RNA linking' y "ADENOSINE-5'-MONOPHOSPHATE"        ? 'C10 H14 N5 O7 P' 347.221 
C   'RNA linking' y "CYTIDINE-5'-MONOPHOSPHATE"         ? 'C9 H14 N3 O8 P'  323.197 
DC  'DNA linking' y "2'-DEOXYCYTIDINE-5'-MONOPHOSPHATE" ? 'C9 H14 N3 O7 P'  307.197 
G   'RNA linking' y "GUANOSINE-5'-MONOPHOSPHATE"        ? 'C10 H14 N5 O8 P' 363.221 
HOH non-polymer   . WATER                               ? 'H2 O'            18.015  
U   'RNA linking' y "URIDINE-5'-MONOPHOSPHATE"          ? 'C9 H13 N2 O9 P'  324.181 
# 
loop_
_pdbx_poly_seq_scheme.asym_id 
_pdbx_poly_seq_scheme.entity_id 
_pdbx_poly_seq_scheme.seq_id 
_pdbx_poly_seq_scheme.mon_id 
_pdbx_poly_seq_scheme.ndb_seq_num 
_pdbx_poly_seq_scheme.pdb_seq_num 
_pdbx_poly_seq_scheme.auth_seq_num 
_pdbx_poly_seq_scheme.pdb_mon_id 
_pdbx_poly_seq_scheme.auth_mon_id 
_pdbx_poly_seq_scheme.pdb_strand_id 
_pdbx_poly_seq_scheme.pdb_ins_code 
_pdbx_poly_seq_scheme.hetero 
A 1 1 G  1 1  1  G  G A . n 
A 1 2 U  2 2  2  U  U A . n 
A 1 3 A  3 3  3  A  A A . n 
A 1 4 U  4 4  4  U  U A . n 
A 1 5 A  5 5  5  A  A A . n 
A 1 6 C  6 6  6  C  C A . n 
A 1 7 A  7 7  7  A  A A . n 
A 1 8 DC 8 8  8  DC C A . n 
B 1 1 G  1 9  9  G  G B . n 
B 1 2 U  2 10 10 U  U B . n 
B 1 3 A  3 11 11 A  A B . n 
B 1 4 U  4 12 12 U  U B . n 
B 1 5 A  5 13 13 A  A B . n 
B 1 6 C  6 14 14 C  C B . n 
B 1 7 A  7 15 15 A  A B . n 
B 1 8 DC 8 16 16 DC C B . n 
C 1 1 G  1 17 17 G  G C . n 
C 1 2 U  2 18 18 U  U C . n 
C 1 3 A  3 19 19 A  A C . n 
C 1 4 U  4 20 20 U  U C . n 
C 1 5 A  5 21 21 A  A C . n 
C 1 6 C  6 22 22 C  C C . n 
C 1 7 A  7 23 23 A  A C . n 
C 1 8 DC 8 24 24 DC C C . n 
D 1 1 G  1 25 25 G  G D . n 
D 1 2 U  2 26 26 U  U D . n 
D 1 3 A  3 27 27 A  A D . n 
D 1 4 U  4 28 28 U  U D . n 
D 1 5 A  5 29 29 A  A D . n 
D 1 6 C  6 30 30 C  C D . n 
D 1 7 A  7 31 31 A  A D . n 
D 1 8 DC 8 32 32 DC C D . n 
# 
loop_
_pdbx_nonpoly_scheme.asym_id 
_pdbx_nonpoly_scheme.entity_id 
_pdbx_nonpoly_scheme.mon_id 
_pdbx_nonpoly_scheme.ndb_seq_num 
_pdbx_nonpoly_scheme.pdb_seq_num 
_pdbx_nonpoly_scheme.auth_seq_num 
_pdbx_nonpoly_scheme.pdb_mon_id 
_pdbx_nonpoly_scheme.auth_mon_id 
_pdbx_nonpoly_scheme.pdb_strand_id 
_pdbx_nonpoly_scheme.pdb_ins_code 
E 2 HOH 1  100 100 HOH HOH A . 
E 2 HOH 2  101 101 HOH HOH A . 
E 2 HOH 3  103 103 HOH HOH A . 
E 2 HOH 4  107 107 HOH HOH A . 
E 2 HOH 5  109 109 HOH HOH A . 
E 2 HOH 6  110 110 HOH HOH A . 
E 2 HOH 7  116 116 HOH HOH A . 
E 2 HOH 8  117 117 HOH HOH A . 
E 2 HOH 9  118 118 HOH HOH A . 
E 2 HOH 10 131 131 HOH HOH A . 
E 2 HOH 11 137 137 HOH HOH A . 
E 2 HOH 12 138 138 HOH HOH A . 
E 2 HOH 13 142 142 HOH HOH A . 
E 2 HOH 14 149 149 HOH HOH A . 
E 2 HOH 15 150 150 HOH HOH A . 
E 2 HOH 16 151 151 HOH HOH A . 
E 2 HOH 17 152 152 HOH HOH A . 
E 2 HOH 18 153 153 HOH HOH A . 
E 2 HOH 19 159 159 HOH HOH A . 
F 2 HOH 1  102 102 HOH HOH B . 
F 2 HOH 2  104 104 HOH HOH B . 
F 2 HOH 3  105 105 HOH HOH B . 
F 2 HOH 4  108 108 HOH HOH B . 
F 2 HOH 5  111 111 HOH HOH B . 
F 2 HOH 6  124 124 HOH HOH B . 
F 2 HOH 7  127 127 HOH HOH B . 
F 2 HOH 8  134 134 HOH HOH B . 
F 2 HOH 9  135 135 HOH HOH B . 
F 2 HOH 10 136 136 HOH HOH B . 
F 2 HOH 11 139 139 HOH HOH B . 
F 2 HOH 12 147 147 HOH HOH B . 
F 2 HOH 13 148 148 HOH HOH B . 
G 2 HOH 1  106 106 HOH HOH C . 
G 2 HOH 2  112 112 HOH HOH C . 
G 2 HOH 3  113 113 HOH HOH C . 
G 2 HOH 4  114 114 HOH HOH C . 
G 2 HOH 5  119 119 HOH HOH C . 
G 2 HOH 6  120 120 HOH HOH C . 
G 2 HOH 7  125 125 HOH HOH C . 
G 2 HOH 8  126 126 HOH HOH C . 
G 2 HOH 9  132 132 HOH HOH C . 
G 2 HOH 10 140 140 HOH HOH C . 
G 2 HOH 11 154 154 HOH HOH C . 
G 2 HOH 12 155 155 HOH HOH C . 
G 2 HOH 13 156 156 HOH HOH C . 
G 2 HOH 14 157 157 HOH HOH C . 
G 2 HOH 15 158 158 HOH HOH C . 
G 2 HOH 16 160 160 HOH HOH C . 
G 2 HOH 17 162 162 HOH HOH C . 
H 2 HOH 1  115 115 HOH HOH D . 
H 2 HOH 2  121 121 HOH HOH D . 
H 2 HOH 3  122 122 HOH HOH D . 
H 2 HOH 4  123 123 HOH HOH D . 
H 2 HOH 5  128 128 HOH HOH D . 
H 2 HOH 6  129 129 HOH HOH D . 
H 2 HOH 7  130 130 HOH HOH D . 
H 2 HOH 8  133 133 HOH HOH D . 
H 2 HOH 9  141 141 HOH HOH D . 
H 2 HOH 10 143 143 HOH HOH D . 
H 2 HOH 11 144 144 HOH HOH D . 
H 2 HOH 12 145 145 HOH HOH D . 
H 2 HOH 13 146 146 HOH HOH D . 
H 2 HOH 14 161 161 HOH HOH D . 
# 
loop_
_software.name 
_software.classification 
_software.version 
_software.citation_id 
_software.pdbx_ordinal 
X-PLOR 'model building' . ? 1 
X-PLOR refinement       . ? 2 
X-PLOR phasing          . ? 3 
# 
_cell.entry_id           419D 
_cell.length_a           24.190 
_cell.length_b           45.530 
_cell.length_c           74.200 
_cell.angle_alpha        90.00 
_cell.angle_beta         90.00 
_cell.angle_gamma        90.00 
_cell.Z_PDB              16 
_cell.pdbx_unique_axis   ? 
_cell.length_a_esd       ? 
_cell.length_b_esd       ? 
_cell.length_c_esd       ? 
_cell.angle_alpha_esd    ? 
_cell.angle_beta_esd     ? 
_cell.angle_gamma_esd    ? 
# 
_symmetry.entry_id                         419D 
_symmetry.space_group_name_H-M             'P 21 21 21' 
_symmetry.pdbx_full_space_group_name_H-M   ? 
_symmetry.cell_setting                     orthorhombic 
_symmetry.Int_Tables_number                19 
_symmetry.space_group_name_Hall            ? 
# 
_exptl.entry_id          419D 
_exptl.method            'X-RAY DIFFRACTION' 
_exptl.crystals_number   1 
# 
_exptl_crystal.id                    1 
_exptl_crystal.density_meas          ? 
_exptl_crystal.density_percent_sol   39.93 
_exptl_crystal.density_Matthews      2.05 
_exptl_crystal.description           ? 
_exptl_crystal.F_000                 ? 
_exptl_crystal.preparation           ? 
# 
_exptl_crystal_grow.crystal_id      1 
_exptl_crystal_grow.method          ? 
_exptl_crystal_grow.temp            ? 
_exptl_crystal_grow.temp_details    ? 
_exptl_crystal_grow.pH              7.00 
_exptl_crystal_grow.pdbx_details    'pH 7.00' 
_exptl_crystal_grow.pdbx_pH_range   ? 
# 
_diffrn.id                     1 
_diffrn.ambient_temp           295.00 
_diffrn.ambient_temp_details   ? 
_diffrn.crystal_id             1 
# 
_diffrn_detector.diffrn_id              1 
_diffrn_detector.detector               'IMAGE PLATE' 
_diffrn_detector.type                   'RIGAKU RAXIS IIC' 
_diffrn_detector.pdbx_collection_date   ? 
_diffrn_detector.details                ? 
# 
_diffrn_radiation.diffrn_id                        1 
_diffrn_radiation.wavelength_id                    1 
_diffrn_radiation.pdbx_monochromatic_or_laue_m_l   M 
_diffrn_radiation.monochromator                    GRAPHITE 
_diffrn_radiation.pdbx_diffrn_protocol             'SINGLE WAVELENGTH' 
_diffrn_radiation.pdbx_scattering_type             x-ray 
# 
_diffrn_radiation_wavelength.id           1 
_diffrn_radiation_wavelength.wavelength   1.5418 
_diffrn_radiation_wavelength.wt           1.0 
# 
_diffrn_source.diffrn_id                   1 
_diffrn_source.source                      'ROTATING ANODE' 
_diffrn_source.type                        RIGAKU 
_diffrn_source.pdbx_synchrotron_site       ? 
_diffrn_source.pdbx_synchrotron_beamline   ? 
_diffrn_source.pdbx_wavelength             1.5418 
_diffrn_source.pdbx_wavelength_list        ? 
# 
_reflns.entry_id                     419D 
_reflns.observed_criterion_sigma_I   1.000 
_reflns.observed_criterion_sigma_F   2.000 
_reflns.d_resolution_low             14.700 
_reflns.d_resolution_high            2.200 
_reflns.number_obs                   3661 
_reflns.number_all                   ? 
_reflns.percent_possible_obs         81.500 
_reflns.pdbx_Rmerge_I_obs            0.037 
_reflns.pdbx_Rsym_value              ? 
_reflns.pdbx_netI_over_sigmaI        ? 
_reflns.B_iso_Wilson_estimate        ? 
_reflns.pdbx_redundancy              ? 
_reflns.R_free_details               ? 
_reflns.pdbx_chi_squared             ? 
_reflns.pdbx_scaling_rejects         ? 
_reflns.pdbx_diffrn_id               1 
_reflns.pdbx_ordinal                 1 
# 
_refine.entry_id                                 419D 
_refine.ls_number_reflns_obs                     3592 
_refine.ls_number_reflns_all                     3592 
_refine.pdbx_ls_sigma_I                          ? 
_refine.pdbx_ls_sigma_F                          2.000 
_refine.pdbx_data_cutoff_high_absF               ? 
_refine.pdbx_data_cutoff_low_absF                ? 
_refine.pdbx_data_cutoff_high_rms_absF           ? 
_refine.ls_d_res_low                             8.000 
_refine.ls_d_res_high                            2.200 
_refine.ls_percent_reflns_obs                    81.500 
_refine.ls_R_factor_obs                          0.186 
_refine.ls_R_factor_all                          ? 
_refine.ls_R_factor_R_work                       0.186 
_refine.ls_R_factor_R_free                       0.278 
_refine.ls_R_factor_R_free_error                 ? 
_refine.ls_R_factor_R_free_error_details         ? 
_refine.ls_percent_reflns_R_free                 10.000 
_refine.ls_number_reflns_R_free                  365 
_refine.ls_number_parameters                     ? 
_refine.ls_number_restraints                     ? 
_refine.occupancy_min                            ? 
_refine.occupancy_max                            ? 
_refine.B_iso_mean                               ? 
_refine.aniso_B[1][1]                            ? 
_refine.aniso_B[2][2]                            ? 
_refine.aniso_B[3][3]                            ? 
_refine.aniso_B[1][2]                            ? 
_refine.aniso_B[1][3]                            ? 
_refine.aniso_B[2][3]                            ? 
_refine.solvent_model_details                    ? 
_refine.solvent_model_param_ksol                 ? 
_refine.solvent_model_param_bsol                 ? 
_refine.pdbx_ls_cross_valid_method               THROUGHOUT 
_refine.details                                  ? 
_refine.pdbx_starting_model                      'R(GUGCACA)DC' 
_refine.pdbx_method_to_determine_struct          'MOLECULAR REPLACEMENT' 
_refine.pdbx_isotropic_thermal_model             ISOTROPIC 
_refine.pdbx_stereochemistry_target_values       ? 
_refine.pdbx_stereochem_target_val_spec_case     ? 
_refine.pdbx_R_Free_selection_details            RANDOM 
_refine.pdbx_overall_ESU_R                       ? 
_refine.pdbx_overall_ESU_R_Free                  ? 
_refine.overall_SU_ML                            ? 
_refine.overall_SU_B                             ? 
_refine.pdbx_refine_id                           'X-RAY DIFFRACTION' 
_refine.ls_redundancy_reflns_obs                 ? 
_refine.pdbx_overall_phase_error                 ? 
_refine.correlation_coeff_Fo_to_Fc               ? 
_refine.correlation_coeff_Fo_to_Fc_free          ? 
_refine.pdbx_solvent_vdw_probe_radii             ? 
_refine.pdbx_solvent_ion_probe_radii             ? 
_refine.pdbx_solvent_shrinkage_radii             ? 
_refine.overall_SU_R_Cruickshank_DPI             ? 
_refine.overall_SU_R_free                        ? 
_refine.ls_wR_factor_R_free                      ? 
_refine.ls_wR_factor_R_work                      ? 
_refine.overall_FOM_free_R_set                   ? 
_refine.overall_FOM_work_R_set                   ? 
_refine.pdbx_diffrn_id                           1 
_refine.pdbx_TLS_residual_ADP_flag               ? 
_refine.pdbx_overall_SU_R_free_Cruickshank_DPI   ? 
_refine.pdbx_overall_SU_R_Blow_DPI               ? 
_refine.pdbx_overall_SU_R_free_Blow_DPI          ? 
# 
_refine_analyze.entry_id                        419D 
_refine_analyze.Luzzati_coordinate_error_obs    0.28 
_refine_analyze.Luzzati_sigma_a_obs             ? 
_refine_analyze.Luzzati_d_res_low_obs           ? 
_refine_analyze.Luzzati_coordinate_error_free   ? 
_refine_analyze.Luzzati_sigma_a_free            ? 
_refine_analyze.Luzzati_d_res_low_free          ? 
_refine_analyze.number_disordered_residues      ? 
_refine_analyze.occupancy_sum_hydrogen          ? 
_refine_analyze.occupancy_sum_non_hydrogen      ? 
_refine_analyze.pdbx_refine_id                  'X-RAY DIFFRACTION' 
# 
_refine_hist.pdbx_refine_id                   'X-RAY DIFFRACTION' 
_refine_hist.cycle_id                         LAST 
_refine_hist.pdbx_number_atoms_protein        0 
_refine_hist.pdbx_number_atoms_nucleic_acid   660 
_refine_hist.pdbx_number_atoms_ligand         0 
_refine_hist.number_atoms_solvent             63 
_refine_hist.number_atoms_total               723 
_refine_hist.d_res_high                       2.200 
_refine_hist.d_res_low                        8.000 
# 
loop_
_refine_ls_restr.type 
_refine_ls_restr.dev_ideal 
_refine_ls_restr.dev_ideal_target 
_refine_ls_restr.weight 
_refine_ls_restr.number 
_refine_ls_restr.pdbx_refine_id 
_refine_ls_restr.pdbx_restraint_function 
x_bond_d                0.004 ? ? ? 'X-RAY DIFFRACTION' ? 
x_bond_d_na             ?     ? ? ? 'X-RAY DIFFRACTION' ? 
x_bond_d_prot           ?     ? ? ? 'X-RAY DIFFRACTION' ? 
x_angle_d               ?     ? ? ? 'X-RAY DIFFRACTION' ? 
x_angle_d_na            ?     ? ? ? 'X-RAY DIFFRACTION' ? 
x_angle_d_prot          ?     ? ? ? 'X-RAY DIFFRACTION' ? 
x_angle_deg             1.00  ? ? ? 'X-RAY DIFFRACTION' ? 
x_angle_deg_na          ?     ? ? ? 'X-RAY DIFFRACTION' ? 
x_angle_deg_prot        ?     ? ? ? 'X-RAY DIFFRACTION' ? 
x_dihedral_angle_d      14.1  ? ? ? 'X-RAY DIFFRACTION' ? 
x_dihedral_angle_d_na   ?     ? ? ? 'X-RAY DIFFRACTION' ? 
x_dihedral_angle_d_prot ?     ? ? ? 'X-RAY DIFFRACTION' ? 
x_improper_angle_d      1.30  ? ? ? 'X-RAY DIFFRACTION' ? 
x_improper_angle_d_na   ?     ? ? ? 'X-RAY DIFFRACTION' ? 
x_improper_angle_d_prot ?     ? ? ? 'X-RAY DIFFRACTION' ? 
x_mcbond_it             ?     ? ? ? 'X-RAY DIFFRACTION' ? 
x_mcangle_it            ?     ? ? ? 'X-RAY DIFFRACTION' ? 
x_scbond_it             ?     ? ? ? 'X-RAY DIFFRACTION' ? 
x_scangle_it            ?     ? ? ? 'X-RAY DIFFRACTION' ? 
# 
_struct.entry_id                  419D 
_struct.title                     
;OCTAMER 5'-R(*GP*UP*AP*UP*AP*CP*A)-D(P*C)-3' WITH SIX WATSON-CRICK BASE-PAIRS AND TWO 3' OVERHANG RESIDUES
;
_struct.pdbx_model_details        ? 
_struct.pdbx_CASP_flag            ? 
_struct.pdbx_model_type_details   ? 
# 
_struct_keywords.entry_id        419D 
_struct_keywords.pdbx_keywords   'DNA-RNA HYBRID' 
_struct_keywords.text            'HIGHLY BENT RNA, SUPERHELICES, DNA-RNA COMPLEX, DNA-RNA HYBRID' 
# 
loop_
_struct_asym.id 
_struct_asym.pdbx_blank_PDB_chainid_flag 
_struct_asym.pdbx_modified 
_struct_asym.entity_id 
_struct_asym.details 
A N N 1 ? 
B N N 1 ? 
C N N 1 ? 
D N N 1 ? 
E N N 2 ? 
F N N 2 ? 
G N N 2 ? 
H N N 2 ? 
# 
_struct_ref.id                         1 
_struct_ref.entity_id                  1 
_struct_ref.db_name                    PDB 
_struct_ref.db_code                    419D 
_struct_ref.pdbx_db_accession          419D 
_struct_ref.pdbx_align_begin           ? 
_struct_ref.pdbx_seq_one_letter_code   ? 
_struct_ref.pdbx_db_isoform            ? 
# 
loop_
_struct_ref_seq.align_id 
_struct_ref_seq.ref_id 
_struct_ref_seq.pdbx_PDB_id_code 
_struct_ref_seq.pdbx_strand_id 
_struct_ref_seq.seq_align_beg 
_struct_ref_seq.pdbx_seq_align_beg_ins_code 
_struct_ref_seq.seq_align_end 
_struct_ref_seq.pdbx_seq_align_end_ins_code 
_struct_ref_seq.pdbx_db_accession 
_struct_ref_seq.db_align_beg 
_struct_ref_seq.pdbx_db_align_beg_ins_code 
_struct_ref_seq.db_align_end 
_struct_ref_seq.pdbx_db_align_end_ins_code 
_struct_ref_seq.pdbx_auth_seq_align_beg 
_struct_ref_seq.pdbx_auth_seq_align_end 
1 1 419D A 1 ? 8 ? 419D 1  ? 8  ? 1  8  
2 1 419D B 1 ? 8 ? 419D 9  ? 16 ? 9  16 
3 1 419D C 1 ? 8 ? 419D 17 ? 24 ? 17 24 
4 1 419D D 1 ? 8 ? 419D 25 ? 32 ? 25 32 
# 
loop_
_pdbx_struct_assembly.id 
_pdbx_struct_assembly.details 
_pdbx_struct_assembly.method_details 
_pdbx_struct_assembly.oligomeric_details 
_pdbx_struct_assembly.oligomeric_count 
1 author_defined_assembly ? dimeric 2 
2 author_defined_assembly ? dimeric 2 
# 
loop_
_pdbx_struct_assembly_gen.assembly_id 
_pdbx_struct_assembly_gen.oper_expression 
_pdbx_struct_assembly_gen.asym_id_list 
1 1 A,B,E,F 
2 1 C,D,G,H 
# 
_pdbx_struct_oper_list.id                   1 
_pdbx_struct_oper_list.type                 'identity operation' 
_pdbx_struct_oper_list.name                 1_555 
_pdbx_struct_oper_list.symmetry_operation   x,y,z 
_pdbx_struct_oper_list.matrix[1][1]         1.0000000000 
_pdbx_struct_oper_list.matrix[1][2]         0.0000000000 
_pdbx_struct_oper_list.matrix[1][3]         0.0000000000 
_pdbx_struct_oper_list.vector[1]            0.0000000000 
_pdbx_struct_oper_list.matrix[2][1]         0.0000000000 
_pdbx_struct_oper_list.matrix[2][2]         1.0000000000 
_pdbx_struct_oper_list.matrix[2][3]         0.0000000000 
_pdbx_struct_oper_list.vector[2]            0.0000000000 
_pdbx_struct_oper_list.matrix[3][1]         0.0000000000 
_pdbx_struct_oper_list.matrix[3][2]         0.0000000000 
_pdbx_struct_oper_list.matrix[3][3]         1.0000000000 
_pdbx_struct_oper_list.vector[3]            0.0000000000 
# 
loop_
_struct_biol.id 
_struct_biol.details 
1 ? 
2 ? 
# 
loop_
_struct_conn.id 
_struct_conn.conn_type_id 
_struct_conn.pdbx_leaving_atom_flag 
_struct_conn.pdbx_PDB_id 
_struct_conn.ptnr1_label_asym_id 
_struct_conn.ptnr1_label_comp_id 
_struct_conn.ptnr1_label_seq_id 
_struct_conn.ptnr1_label_atom_id 
_struct_conn.pdbx_ptnr1_label_alt_id 
_struct_conn.pdbx_ptnr1_PDB_ins_code 
_struct_conn.pdbx_ptnr1_standard_comp_id 
_struct_conn.ptnr1_symmetry 
_struct_conn.ptnr2_label_asym_id 
_struct_conn.ptnr2_label_comp_id 
_struct_conn.ptnr2_label_seq_id 
_struct_conn.ptnr2_label_atom_id 
_struct_conn.pdbx_ptnr2_label_alt_id 
_struct_conn.pdbx_ptnr2_PDB_ins_code 
_struct_conn.ptnr1_auth_asym_id 
_struct_conn.ptnr1_auth_comp_id 
_struct_conn.ptnr1_auth_seq_id 
_struct_conn.ptnr2_auth_asym_id 
_struct_conn.ptnr2_auth_comp_id 
_struct_conn.ptnr2_auth_seq_id 
_struct_conn.ptnr2_symmetry 
_struct_conn.pdbx_ptnr3_label_atom_id 
_struct_conn.pdbx_ptnr3_label_seq_id 
_struct_conn.pdbx_ptnr3_label_comp_id 
_struct_conn.pdbx_ptnr3_label_asym_id 
_struct_conn.pdbx_ptnr3_label_alt_id 
_struct_conn.pdbx_ptnr3_PDB_ins_code 
_struct_conn.details 
_struct_conn.pdbx_dist_value 
_struct_conn.pdbx_value_order 
_struct_conn.pdbx_role 
hydrog1  hydrog ? ? A G 1 N1 ? ? ? 1_555 B C 6 N3 ? ? A G 1  B C 14 1_555 ? ? ? ? ? ? WATSON-CRICK ? ? ? 
hydrog2  hydrog ? ? A G 1 N2 ? ? ? 1_555 B C 6 O2 ? ? A G 1  B C 14 1_555 ? ? ? ? ? ? WATSON-CRICK ? ? ? 
hydrog3  hydrog ? ? A G 1 O6 ? ? ? 1_555 B C 6 N4 ? ? A G 1  B C 14 1_555 ? ? ? ? ? ? WATSON-CRICK ? ? ? 
hydrog4  hydrog ? ? A U 2 N3 ? ? ? 1_555 B A 5 N1 ? ? A U 2  B A 13 1_555 ? ? ? ? ? ? WATSON-CRICK ? ? ? 
hydrog5  hydrog ? ? A U 2 O4 ? ? ? 1_555 B A 5 N6 ? ? A U 2  B A 13 1_555 ? ? ? ? ? ? WATSON-CRICK ? ? ? 
hydrog6  hydrog ? ? A A 3 N1 ? ? ? 1_555 B U 4 N3 ? ? A A 3  B U 12 1_555 ? ? ? ? ? ? WATSON-CRICK ? ? ? 
hydrog7  hydrog ? ? A A 3 N6 ? ? ? 1_555 B U 4 O4 ? ? A A 3  B U 12 1_555 ? ? ? ? ? ? WATSON-CRICK ? ? ? 
hydrog8  hydrog ? ? A U 4 N3 ? ? ? 1_555 B A 3 N1 ? ? A U 4  B A 11 1_555 ? ? ? ? ? ? WATSON-CRICK ? ? ? 
hydrog9  hydrog ? ? A U 4 O4 ? ? ? 1_555 B A 3 N6 ? ? A U 4  B A 11 1_555 ? ? ? ? ? ? WATSON-CRICK ? ? ? 
hydrog10 hydrog ? ? A A 5 N1 ? ? ? 1_555 B U 2 N3 ? ? A A 5  B U 10 1_555 ? ? ? ? ? ? WATSON-CRICK ? ? ? 
hydrog11 hydrog ? ? A A 5 N6 ? ? ? 1_555 B U 2 O4 ? ? A A 5  B U 10 1_555 ? ? ? ? ? ? WATSON-CRICK ? ? ? 
hydrog12 hydrog ? ? A C 6 N3 ? ? ? 1_555 B G 1 N1 ? ? A C 6  B G 9  1_555 ? ? ? ? ? ? WATSON-CRICK ? ? ? 
hydrog13 hydrog ? ? A C 6 N4 ? ? ? 1_555 B G 1 O6 ? ? A C 6  B G 9  1_555 ? ? ? ? ? ? WATSON-CRICK ? ? ? 
hydrog14 hydrog ? ? A C 6 O2 ? ? ? 1_555 B G 1 N2 ? ? A C 6  B G 9  1_555 ? ? ? ? ? ? WATSON-CRICK ? ? ? 
hydrog15 hydrog ? ? C G 1 N1 ? ? ? 1_555 D C 6 N3 ? ? C G 17 D C 30 1_555 ? ? ? ? ? ? WATSON-CRICK ? ? ? 
hydrog16 hydrog ? ? C G 1 N2 ? ? ? 1_555 D C 6 O2 ? ? C G 17 D C 30 1_555 ? ? ? ? ? ? WATSON-CRICK ? ? ? 
hydrog17 hydrog ? ? C G 1 O6 ? ? ? 1_555 D C 6 N4 ? ? C G 17 D C 30 1_555 ? ? ? ? ? ? WATSON-CRICK ? ? ? 
hydrog18 hydrog ? ? C U 2 N3 ? ? ? 1_555 D A 5 N1 ? ? C U 18 D A 29 1_555 ? ? ? ? ? ? WATSON-CRICK ? ? ? 
hydrog19 hydrog ? ? C U 2 O4 ? ? ? 1_555 D A 5 N6 ? ? C U 18 D A 29 1_555 ? ? ? ? ? ? WATSON-CRICK ? ? ? 
hydrog20 hydrog ? ? C A 3 N1 ? ? ? 1_555 D U 4 N3 ? ? C A 19 D U 28 1_555 ? ? ? ? ? ? WATSON-CRICK ? ? ? 
hydrog21 hydrog ? ? C A 3 N6 ? ? ? 1_555 D U 4 O4 ? ? C A 19 D U 28 1_555 ? ? ? ? ? ? WATSON-CRICK ? ? ? 
hydrog22 hydrog ? ? C U 4 N3 ? ? ? 1_555 D A 3 N1 ? ? C U 20 D A 27 1_555 ? ? ? ? ? ? WATSON-CRICK ? ? ? 
hydrog23 hydrog ? ? C U 4 O4 ? ? ? 1_555 D A 3 N6 ? ? C U 20 D A 27 1_555 ? ? ? ? ? ? WATSON-CRICK ? ? ? 
hydrog24 hydrog ? ? C A 5 N1 ? ? ? 1_555 D U 2 N3 ? ? C A 21 D U 26 1_555 ? ? ? ? ? ? WATSON-CRICK ? ? ? 
hydrog25 hydrog ? ? C A 5 N6 ? ? ? 1_555 D U 2 O4 ? ? C A 21 D U 26 1_555 ? ? ? ? ? ? WATSON-CRICK ? ? ? 
hydrog26 hydrog ? ? C C 6 N3 ? ? ? 1_555 D G 1 N1 ? ? C C 22 D G 25 1_555 ? ? ? ? ? ? WATSON-CRICK ? ? ? 
hydrog27 hydrog ? ? C C 6 N4 ? ? ? 1_555 D G 1 O6 ? ? C C 22 D G 25 1_555 ? ? ? ? ? ? WATSON-CRICK ? ? ? 
hydrog28 hydrog ? ? C C 6 O2 ? ? ? 1_555 D G 1 N2 ? ? C C 22 D G 25 1_555 ? ? ? ? ? ? WATSON-CRICK ? ? ? 
# 
_struct_conn_type.id          hydrog 
_struct_conn_type.criteria    ? 
_struct_conn_type.reference   ? 
# 
loop_
_chem_comp_atom.comp_id 
_chem_comp_atom.atom_id 
_chem_comp_atom.type_symbol 
_chem_comp_atom.pdbx_aromatic_flag 
_chem_comp_atom.pdbx_stereo_config 
_chem_comp_atom.pdbx_ordinal 
A   OP3    O N N 1   
A   P      P N N 2   
A   OP1    O N N 3   
A   OP2    O N N 4   
A   "O5'"  O N N 5   
A   "C5'"  C N N 6   
A   "C4'"  C N R 7   
A   "O4'"  O N N 8   
A   "C3'"  C N S 9   
A   "O3'"  O N N 10  
A   "C2'"  C N R 11  
A   "O2'"  O N N 12  
A   "C1'"  C N R 13  
A   N9     N Y N 14  
A   C8     C Y N 15  
A   N7     N Y N 16  
A   C5     C Y N 17  
A   C6     C Y N 18  
A   N6     N N N 19  
A   N1     N Y N 20  
A   C2     C Y N 21  
A   N3     N Y N 22  
A   C4     C Y N 23  
A   HOP3   H N N 24  
A   HOP2   H N N 25  
A   "H5'"  H N N 26  
A   "H5''" H N N 27  
A   "H4'"  H N N 28  
A   "H3'"  H N N 29  
A   "HO3'" H N N 30  
A   "H2'"  H N N 31  
A   "HO2'" H N N 32  
A   "H1'"  H N N 33  
A   H8     H N N 34  
A   H61    H N N 35  
A   H62    H N N 36  
A   H2     H N N 37  
C   OP3    O N N 38  
C   P      P N N 39  
C   OP1    O N N 40  
C   OP2    O N N 41  
C   "O5'"  O N N 42  
C   "C5'"  C N N 43  
C   "C4'"  C N R 44  
C   "O4'"  O N N 45  
C   "C3'"  C N S 46  
C   "O3'"  O N N 47  
C   "C2'"  C N R 48  
C   "O2'"  O N N 49  
C   "C1'"  C N R 50  
C   N1     N N N 51  
C   C2     C N N 52  
C   O2     O N N 53  
C   N3     N N N 54  
C   C4     C N N 55  
C   N4     N N N 56  
C   C5     C N N 57  
C   C6     C N N 58  
C   HOP3   H N N 59  
C   HOP2   H N N 60  
C   "H5'"  H N N 61  
C   "H5''" H N N 62  
C   "H4'"  H N N 63  
C   "H3'"  H N N 64  
C   "HO3'" H N N 65  
C   "H2'"  H N N 66  
C   "HO2'" H N N 67  
C   "H1'"  H N N 68  
C   H41    H N N 69  
C   H42    H N N 70  
C   H5     H N N 71  
C   H6     H N N 72  
DC  OP3    O N N 73  
DC  P      P N N 74  
DC  OP1    O N N 75  
DC  OP2    O N N 76  
DC  "O5'"  O N N 77  
DC  "C5'"  C N N 78  
DC  "C4'"  C N R 79  
DC  "O4'"  O N N 80  
DC  "C3'"  C N S 81  
DC  "O3'"  O N N 82  
DC  "C2'"  C N N 83  
DC  "C1'"  C N R 84  
DC  N1     N N N 85  
DC  C2     C N N 86  
DC  O2     O N N 87  
DC  N3     N N N 88  
DC  C4     C N N 89  
DC  N4     N N N 90  
DC  C5     C N N 91  
DC  C6     C N N 92  
DC  HOP3   H N N 93  
DC  HOP2   H N N 94  
DC  "H5'"  H N N 95  
DC  "H5''" H N N 96  
DC  "H4'"  H N N 97  
DC  "H3'"  H N N 98  
DC  "HO3'" H N N 99  
DC  "H2'"  H N N 100 
DC  "H2''" H N N 101 
DC  "H1'"  H N N 102 
DC  H41    H N N 103 
DC  H42    H N N 104 
DC  H5     H N N 105 
DC  H6     H N N 106 
G   OP3    O N N 107 
G   P      P N N 108 
G   OP1    O N N 109 
G   OP2    O N N 110 
G   "O5'"  O N N 111 
G   "C5'"  C N N 112 
G   "C4'"  C N R 113 
G   "O4'"  O N N 114 
G   "C3'"  C N S 115 
G   "O3'"  O N N 116 
G   "C2'"  C N R 117 
G   "O2'"  O N N 118 
G   "C1'"  C N R 119 
G   N9     N Y N 120 
G   C8     C Y N 121 
G   N7     N Y N 122 
G   C5     C Y N 123 
G   C6     C N N 124 
G   O6     O N N 125 
G   N1     N N N 126 
G   C2     C N N 127 
G   N2     N N N 128 
G   N3     N N N 129 
G   C4     C Y N 130 
G   HOP3   H N N 131 
G   HOP2   H N N 132 
G   "H5'"  H N N 133 
G   "H5''" H N N 134 
G   "H4'"  H N N 135 
G   "H3'"  H N N 136 
G   "HO3'" H N N 137 
G   "H2'"  H N N 138 
G   "HO2'" H N N 139 
G   "H1'"  H N N 140 
G   H8     H N N 141 
G   H1     H N N 142 
G   H21    H N N 143 
G   H22    H N N 144 
HOH O      O N N 145 
HOH H1     H N N 146 
HOH H2     H N N 147 
U   OP3    O N N 148 
U   P      P N N 149 
U   OP1    O N N 150 
U   OP2    O N N 151 
U   "O5'"  O N N 152 
U   "C5'"  C N N 153 
U   "C4'"  C N R 154 
U   "O4'"  O N N 155 
U   "C3'"  C N S 156 
U   "O3'"  O N N 157 
U   "C2'"  C N R 158 
U   "O2'"  O N N 159 
U   "C1'"  C N R 160 
U   N1     N N N 161 
U   C2     C N N 162 
U   O2     O N N 163 
U   N3     N N N 164 
U   C4     C N N 165 
U   O4     O N N 166 
U   C5     C N N 167 
U   C6     C N N 168 
U   HOP3   H N N 169 
U   HOP2   H N N 170 
U   "H5'"  H N N 171 
U   "H5''" H N N 172 
U   "H4'"  H N N 173 
U   "H3'"  H N N 174 
U   "HO3'" H N N 175 
U   "H2'"  H N N 176 
U   "HO2'" H N N 177 
U   "H1'"  H N N 178 
U   H3     H N N 179 
U   H5     H N N 180 
U   H6     H N N 181 
# 
loop_
_chem_comp_bond.comp_id 
_chem_comp_bond.atom_id_1 
_chem_comp_bond.atom_id_2 
_chem_comp_bond.value_order 
_chem_comp_bond.pdbx_aromatic_flag 
_chem_comp_bond.pdbx_stereo_config 
_chem_comp_bond.pdbx_ordinal 
A   OP3   P      sing N N 1   
A   OP3   HOP3   sing N N 2   
A   P     OP1    doub N N 3   
A   P     OP2    sing N N 4   
A   P     "O5'"  sing N N 5   
A   OP2   HOP2   sing N N 6   
A   "O5'" "C5'"  sing N N 7   
A   "C5'" "C4'"  sing N N 8   
A   "C5'" "H5'"  sing N N 9   
A   "C5'" "H5''" sing N N 10  
A   "C4'" "O4'"  sing N N 11  
A   "C4'" "C3'"  sing N N 12  
A   "C4'" "H4'"  sing N N 13  
A   "O4'" "C1'"  sing N N 14  
A   "C3'" "O3'"  sing N N 15  
A   "C3'" "C2'"  sing N N 16  
A   "C3'" "H3'"  sing N N 17  
A   "O3'" "HO3'" sing N N 18  
A   "C2'" "O2'"  sing N N 19  
A   "C2'" "C1'"  sing N N 20  
A   "C2'" "H2'"  sing N N 21  
A   "O2'" "HO2'" sing N N 22  
A   "C1'" N9     sing N N 23  
A   "C1'" "H1'"  sing N N 24  
A   N9    C8     sing Y N 25  
A   N9    C4     sing Y N 26  
A   C8    N7     doub Y N 27  
A   C8    H8     sing N N 28  
A   N7    C5     sing Y N 29  
A   C5    C6     sing Y N 30  
A   C5    C4     doub Y N 31  
A   C6    N6     sing N N 32  
A   C6    N1     doub Y N 33  
A   N6    H61    sing N N 34  
A   N6    H62    sing N N 35  
A   N1    C2     sing Y N 36  
A   C2    N3     doub Y N 37  
A   C2    H2     sing N N 38  
A   N3    C4     sing Y N 39  
C   OP3   P      sing N N 40  
C   OP3   HOP3   sing N N 41  
C   P     OP1    doub N N 42  
C   P     OP2    sing N N 43  
C   P     "O5'"  sing N N 44  
C   OP2   HOP2   sing N N 45  
C   "O5'" "C5'"  sing N N 46  
C   "C5'" "C4'"  sing N N 47  
C   "C5'" "H5'"  sing N N 48  
C   "C5'" "H5''" sing N N 49  
C   "C4'" "O4'"  sing N N 50  
C   "C4'" "C3'"  sing N N 51  
C   "C4'" "H4'"  sing N N 52  
C   "O4'" "C1'"  sing N N 53  
C   "C3'" "O3'"  sing N N 54  
C   "C3'" "C2'"  sing N N 55  
C   "C3'" "H3'"  sing N N 56  
C   "O3'" "HO3'" sing N N 57  
C   "C2'" "O2'"  sing N N 58  
C   "C2'" "C1'"  sing N N 59  
C   "C2'" "H2'"  sing N N 60  
C   "O2'" "HO2'" sing N N 61  
C   "C1'" N1     sing N N 62  
C   "C1'" "H1'"  sing N N 63  
C   N1    C2     sing N N 64  
C   N1    C6     sing N N 65  
C   C2    O2     doub N N 66  
C   C2    N3     sing N N 67  
C   N3    C4     doub N N 68  
C   C4    N4     sing N N 69  
C   C4    C5     sing N N 70  
C   N4    H41    sing N N 71  
C   N4    H42    sing N N 72  
C   C5    C6     doub N N 73  
C   C5    H5     sing N N 74  
C   C6    H6     sing N N 75  
DC  OP3   P      sing N N 76  
DC  OP3   HOP3   sing N N 77  
DC  P     OP1    doub N N 78  
DC  P     OP2    sing N N 79  
DC  P     "O5'"  sing N N 80  
DC  OP2   HOP2   sing N N 81  
DC  "O5'" "C5'"  sing N N 82  
DC  "C5'" "C4'"  sing N N 83  
DC  "C5'" "H5'"  sing N N 84  
DC  "C5'" "H5''" sing N N 85  
DC  "C4'" "O4'"  sing N N 86  
DC  "C4'" "C3'"  sing N N 87  
DC  "C4'" "H4'"  sing N N 88  
DC  "O4'" "C1'"  sing N N 89  
DC  "C3'" "O3'"  sing N N 90  
DC  "C3'" "C2'"  sing N N 91  
DC  "C3'" "H3'"  sing N N 92  
DC  "O3'" "HO3'" sing N N 93  
DC  "C2'" "C1'"  sing N N 94  
DC  "C2'" "H2'"  sing N N 95  
DC  "C2'" "H2''" sing N N 96  
DC  "C1'" N1     sing N N 97  
DC  "C1'" "H1'"  sing N N 98  
DC  N1    C2     sing N N 99  
DC  N1    C6     sing N N 100 
DC  C2    O2     doub N N 101 
DC  C2    N3     sing N N 102 
DC  N3    C4     doub N N 103 
DC  C4    N4     sing N N 104 
DC  C4    C5     sing N N 105 
DC  N4    H41    sing N N 106 
DC  N4    H42    sing N N 107 
DC  C5    C6     doub N N 108 
DC  C5    H5     sing N N 109 
DC  C6    H6     sing N N 110 
G   OP3   P      sing N N 111 
G   OP3   HOP3   sing N N 112 
G   P     OP1    doub N N 113 
G   P     OP2    sing N N 114 
G   P     "O5'"  sing N N 115 
G   OP2   HOP2   sing N N 116 
G   "O5'" "C5'"  sing N N 117 
G   "C5'" "C4'"  sing N N 118 
G   "C5'" "H5'"  sing N N 119 
G   "C5'" "H5''" sing N N 120 
G   "C4'" "O4'"  sing N N 121 
G   "C4'" "C3'"  sing N N 122 
G   "C4'" "H4'"  sing N N 123 
G   "O4'" "C1'"  sing N N 124 
G   "C3'" "O3'"  sing N N 125 
G   "C3'" "C2'"  sing N N 126 
G   "C3'" "H3'"  sing N N 127 
G   "O3'" "HO3'" sing N N 128 
G   "C2'" "O2'"  sing N N 129 
G   "C2'" "C1'"  sing N N 130 
G   "C2'" "H2'"  sing N N 131 
G   "O2'" "HO2'" sing N N 132 
G   "C1'" N9     sing N N 133 
G   "C1'" "H1'"  sing N N 134 
G   N9    C8     sing Y N 135 
G   N9    C4     sing Y N 136 
G   C8    N7     doub Y N 137 
G   C8    H8     sing N N 138 
G   N7    C5     sing Y N 139 
G   C5    C6     sing N N 140 
G   C5    C4     doub Y N 141 
G   C6    O6     doub N N 142 
G   C6    N1     sing N N 143 
G   N1    C2     sing N N 144 
G   N1    H1     sing N N 145 
G   C2    N2     sing N N 146 
G   C2    N3     doub N N 147 
G   N2    H21    sing N N 148 
G   N2    H22    sing N N 149 
G   N3    C4     sing N N 150 
HOH O     H1     sing N N 151 
HOH O     H2     sing N N 152 
U   OP3   P      sing N N 153 
U   OP3   HOP3   sing N N 154 
U   P     OP1    doub N N 155 
U   P     OP2    sing N N 156 
U   P     "O5'"  sing N N 157 
U   OP2   HOP2   sing N N 158 
U   "O5'" "C5'"  sing N N 159 
U   "C5'" "C4'"  sing N N 160 
U   "C5'" "H5'"  sing N N 161 
U   "C5'" "H5''" sing N N 162 
U   "C4'" "O4'"  sing N N 163 
U   "C4'" "C3'"  sing N N 164 
U   "C4'" "H4'"  sing N N 165 
U   "O4'" "C1'"  sing N N 166 
U   "C3'" "O3'"  sing N N 167 
U   "C3'" "C2'"  sing N N 168 
U   "C3'" "H3'"  sing N N 169 
U   "O3'" "HO3'" sing N N 170 
U   "C2'" "O2'"  sing N N 171 
U   "C2'" "C1'"  sing N N 172 
U   "C2'" "H2'"  sing N N 173 
U   "O2'" "HO2'" sing N N 174 
U   "C1'" N1     sing N N 175 
U   "C1'" "H1'"  sing N N 176 
U   N1    C2     sing N N 177 
U   N1    C6     sing N N 178 
U   C2    O2     doub N N 179 
U   C2    N3     sing N N 180 
U   N3    C4     sing N N 181 
U   N3    H3     sing N N 182 
U   C4    O4     doub N N 183 
U   C4    C5     sing N N 184 
U   C5    C6     doub N N 185 
U   C5    H5     sing N N 186 
U   C6    H6     sing N N 187 
# 
_ndb_struct_conf_na.entry_id   419D 
_ndb_struct_conf_na.feature    'a-form double helix' 
# 
loop_
_ndb_struct_na_base_pair.model_number 
_ndb_struct_na_base_pair.i_label_asym_id 
_ndb_struct_na_base_pair.i_label_comp_id 
_ndb_struct_na_base_pair.i_label_seq_id 
_ndb_struct_na_base_pair.i_symmetry 
_ndb_struct_na_base_pair.j_label_asym_id 
_ndb_struct_na_base_pair.j_label_comp_id 
_ndb_struct_na_base_pair.j_label_seq_id 
_ndb_struct_na_base_pair.j_symmetry 
_ndb_struct_na_base_pair.shear 
_ndb_struct_na_base_pair.stretch 
_ndb_struct_na_base_pair.stagger 
_ndb_struct_na_base_pair.buckle 
_ndb_struct_na_base_pair.propeller 
_ndb_struct_na_base_pair.opening 
_ndb_struct_na_base_pair.pair_number 
_ndb_struct_na_base_pair.pair_name 
_ndb_struct_na_base_pair.i_auth_asym_id 
_ndb_struct_na_base_pair.i_auth_seq_id 
_ndb_struct_na_base_pair.i_PDB_ins_code 
_ndb_struct_na_base_pair.j_auth_asym_id 
_ndb_struct_na_base_pair.j_auth_seq_id 
_ndb_struct_na_base_pair.j_PDB_ins_code 
_ndb_struct_na_base_pair.hbond_type_28 
_ndb_struct_na_base_pair.hbond_type_12 
1 A G 1 1_555 B C 6 1_555 -1.327 -0.195 0.250  -11.092 -13.469 3.201 1  A_G1:C14_B  A 1  ? B 14 ? 19 1 
1 A U 2 1_555 B A 5 1_555 0.013  -0.137 0.882  -6.236  -11.521 2.211 2  A_U2:A13_B  A 2  ? B 13 ? 20 1 
1 A A 3 1_555 B U 4 1_555 0.116  0.183  0.213  -3.878  -11.428 7.089 3  A_A3:U12_B  A 3  ? B 12 ? 20 1 
1 A U 4 1_555 B A 3 1_555 0.186  0.103  0.345  -0.059  -13.684 6.785 4  A_U4:A11_B  A 4  ? B 11 ? 20 1 
1 A A 5 1_555 B U 2 1_555 0.360  0.137  0.411  -6.552  -19.831 5.382 5  A_A5:U10_B  A 5  ? B 10 ? 20 1 
1 A C 6 1_555 B G 1 1_555 0.236  0.073  0.481  -3.106  -19.920 4.756 6  A_C6:G9_B   A 6  ? B 9  ? 19 1 
1 C G 1 1_555 D C 6 1_555 -0.307 -0.119 0.537  -0.288  -7.402  0.539 7  C_G17:C30_D C 17 ? D 30 ? 19 1 
1 C U 2 1_555 D A 5 1_555 0.123  0.064  0.403  -2.199  -10.565 5.949 8  C_U18:A29_D C 18 ? D 29 ? 20 1 
1 C A 3 1_555 D U 4 1_555 -0.209 0.015  0.091  -0.074  -10.298 3.953 9  C_A19:U28_D C 19 ? D 28 ? 20 1 
1 C U 4 1_555 D A 3 1_555 0.389  -0.087 -0.052 2.976   -17.064 0.213 10 C_U20:A27_D C 20 ? D 27 ? 20 1 
1 C A 5 1_555 D U 2 1_555 0.336  0.032  0.217  -5.824  -25.660 0.572 11 C_A21:U26_D C 21 ? D 26 ? 20 1 
1 C C 6 1_555 D G 1 1_555 0.051  -0.046 0.357  -3.192  -21.497 3.470 12 C_C22:G25_D C 22 ? D 25 ? 19 1 
# 
loop_
_ndb_struct_na_base_pair_step.model_number 
_ndb_struct_na_base_pair_step.i_label_asym_id_1 
_ndb_struct_na_base_pair_step.i_label_comp_id_1 
_ndb_struct_na_base_pair_step.i_label_seq_id_1 
_ndb_struct_na_base_pair_step.i_symmetry_1 
_ndb_struct_na_base_pair_step.j_label_asym_id_1 
_ndb_struct_na_base_pair_step.j_label_comp_id_1 
_ndb_struct_na_base_pair_step.j_label_seq_id_1 
_ndb_struct_na_base_pair_step.j_symmetry_1 
_ndb_struct_na_base_pair_step.i_label_asym_id_2 
_ndb_struct_na_base_pair_step.i_label_comp_id_2 
_ndb_struct_na_base_pair_step.i_label_seq_id_2 
_ndb_struct_na_base_pair_step.i_symmetry_2 
_ndb_struct_na_base_pair_step.j_label_asym_id_2 
_ndb_struct_na_base_pair_step.j_label_comp_id_2 
_ndb_struct_na_base_pair_step.j_label_seq_id_2 
_ndb_struct_na_base_pair_step.j_symmetry_2 
_ndb_struct_na_base_pair_step.shift 
_ndb_struct_na_base_pair_step.slide 
_ndb_struct_na_base_pair_step.rise 
_ndb_struct_na_base_pair_step.tilt 
_ndb_struct_na_base_pair_step.roll 
_ndb_struct_na_base_pair_step.twist 
_ndb_struct_na_base_pair_step.x_displacement 
_ndb_struct_na_base_pair_step.y_displacement 
_ndb_struct_na_base_pair_step.helical_rise 
_ndb_struct_na_base_pair_step.inclination 
_ndb_struct_na_base_pair_step.tip 
_ndb_struct_na_base_pair_step.helical_twist 
_ndb_struct_na_base_pair_step.step_number 
_ndb_struct_na_base_pair_step.step_name 
_ndb_struct_na_base_pair_step.i_auth_asym_id_1 
_ndb_struct_na_base_pair_step.i_auth_seq_id_1 
_ndb_struct_na_base_pair_step.i_PDB_ins_code_1 
_ndb_struct_na_base_pair_step.j_auth_asym_id_1 
_ndb_struct_na_base_pair_step.j_auth_seq_id_1 
_ndb_struct_na_base_pair_step.j_PDB_ins_code_1 
_ndb_struct_na_base_pair_step.i_auth_asym_id_2 
_ndb_struct_na_base_pair_step.i_auth_seq_id_2 
_ndb_struct_na_base_pair_step.i_PDB_ins_code_2 
_ndb_struct_na_base_pair_step.j_auth_asym_id_2 
_ndb_struct_na_base_pair_step.j_auth_seq_id_2 
_ndb_struct_na_base_pair_step.j_PDB_ins_code_2 
1 A G 1 1_555 B C 6 1_555 A U 2 1_555 B A 5 1_555 -0.708 -1.012 3.201 -7.112 0.080  40.132 -1.463 0.233  3.272 0.116  10.266 
40.732 1  AA_G1U2:A13C14_BB   A 1  ? B 14 ? A 2  ? B 13 ? 
1 A U 2 1_555 B A 5 1_555 A A 3 1_555 B U 4 1_555 -0.230 -1.549 3.067 3.748  11.493 31.490 -4.274 0.919  2.333 20.266 -6.609 
33.676 2  AA_U2A3:U12A13_BB   A 2  ? B 13 ? A 3  ? B 12 ? 
1 A A 3 1_555 B U 4 1_555 A U 4 1_555 B A 3 1_555 0.122  -1.078 3.286 -0.046 13.334 29.901 -4.085 -0.225 2.583 24.375 0.084  
32.677 3  AA_A3U4:A11U12_BB   A 3  ? B 12 ? A 4  ? B 11 ? 
1 A U 4 1_555 B A 3 1_555 A A 5 1_555 B U 2 1_555 0.532  -1.502 3.119 0.669  19.982 31.989 -4.505 -0.753 1.899 32.588 -1.092 
37.585 4  AA_U4A5:U10A11_BB   A 4  ? B 11 ? A 5  ? B 10 ? 
1 A A 5 1_555 B U 2 1_555 A C 6 1_555 B G 1 1_555 0.618  -1.719 3.164 4.702  -1.509 34.576 -2.638 -0.324 3.286 -2.523 -7.861 
34.916 5  AA_A5C6:G9U10_BB    A 5  ? B 10 ? A 6  ? B 9  ? 
1 C G 1 1_555 D C 6 1_555 C U 2 1_555 D A 5 1_555 -0.169 -1.166 3.555 0.239  4.366  34.005 -2.709 0.327  3.383 7.427  -0.407 
34.276 6  CC_G17U18:A29C30_DD C 17 ? D 30 ? C 18 ? D 29 ? 
1 C U 2 1_555 D A 5 1_555 C A 3 1_555 D U 4 1_555 -0.196 -1.498 2.949 0.513  17.316 30.437 -4.562 0.388  1.852 30.115 -0.892 
34.920 7  CC_U18A19:U28A29_DD C 18 ? D 29 ? C 19 ? D 28 ? 
1 C A 3 1_555 D U 4 1_555 C U 4 1_555 D A 3 1_555 -0.371 -1.080 3.349 0.636  11.809 32.360 -3.612 0.723  2.789 20.360 -1.097 
34.399 8  CC_A19U20:A27U28_DD C 19 ? D 28 ? C 20 ? D 27 ? 
1 C U 4 1_555 D A 3 1_555 C A 5 1_555 D U 2 1_555 0.957  -1.609 3.398 2.865  21.814 29.028 -5.337 -1.176 1.863 37.477 -4.922 
36.280 9  CC_U20A21:U26A27_DD C 20 ? D 27 ? C 21 ? D 26 ? 
1 C A 5 1_555 D U 2 1_555 C C 6 1_555 D G 1 1_555 0.717  -1.744 3.170 5.160  -2.671 32.388 -2.621 -0.378 3.370 -4.741 -9.159 
32.892 10 CC_A21C22:G25U26_DD C 21 ? D 26 ? C 22 ? D 25 ? 
# 
_pdbx_initial_refinement_model.accession_code   418D 
_pdbx_initial_refinement_model.id               1 
_pdbx_initial_refinement_model.entity_id_list   ? 
_pdbx_initial_refinement_model.type             'experimental model' 
_pdbx_initial_refinement_model.source_name      PDB 
_pdbx_initial_refinement_model.details          'R(GUGCACA)DC' 
# 
_atom_sites.entry_id                    419D 
_atom_sites.fract_transf_matrix[1][1]   -0.00917017 
_atom_sites.fract_transf_matrix[1][2]   -0.03652927 
_atom_sites.fract_transf_matrix[1][3]   -0.01704211 
_atom_sites.fract_transf_matrix[2][1]   -0.01938981 
_atom_sites.fract_transf_matrix[2][2]   0.00005412 
_atom_sites.fract_transf_matrix[2][3]   0.01031744 
_atom_sites.fract_transf_matrix[3][1]   -0.00558047 
_atom_sites.fract_transf_matrix[3][2]   0.00630911 
_atom_sites.fract_transf_matrix[3][3]   -0.01052060 
_atom_sites.fract_transf_vector[1]      0.111196 
_atom_sites.fract_transf_vector[2]      0.007658 
_atom_sites.fract_transf_vector[3]      0.240640 
# 
loop_
_atom_type.symbol 
C 
N 
O 
P 
# 
loop_
_atom_site.group_PDB 
_atom_site.id 
_atom_site.type_symbol 
_atom_site.label_atom_id 
_atom_site.label_alt_id 
_atom_site.label_comp_id 
_atom_site.label_asym_id 
_atom_site.label_entity_id 
_atom_site.label_seq_id 
_atom_site.pdbx_PDB_ins_code 
_atom_site.Cartn_x 
_atom_site.Cartn_y 
_atom_site.Cartn_z 
_atom_site.occupancy 
_atom_site.B_iso_or_equiv 
_atom_site.pdbx_formal_charge 
_atom_site.auth_seq_id 
_atom_site.auth_comp_id 
_atom_site.auth_asym_id 
_atom_site.auth_atom_id 
_atom_site.pdbx_PDB_model_num 
ATOM   1   O "O5'" . G   A 1 1 ? -5.750  -6.518  14.304  1.00 41.10 ? 1   G   A "O5'" 1 
ATOM   2   C "C5'" . G   A 1 1 ? -7.177  -6.624  14.369  1.00 32.53 ? 1   G   A "C5'" 1 
ATOM   3   C "C4'" . G   A 1 1 ? -7.872  -5.723  13.371  1.00 35.78 ? 1   G   A "C4'" 1 
ATOM   4   O "O4'" . G   A 1 1 ? -7.682  -4.331  13.734  1.00 33.83 ? 1   G   A "O4'" 1 
ATOM   5   C "C3'" . G   A 1 1 ? -7.370  -5.815  11.938  1.00 40.47 ? 1   G   A "C3'" 1 
ATOM   6   O "O3'" . G   A 1 1 ? -8.002  -6.888  11.247  1.00 44.85 ? 1   G   A "O3'" 1 
ATOM   7   C "C2'" . G   A 1 1 ? -7.803  -4.474  11.359  1.00 37.26 ? 1   G   A "C2'" 1 
ATOM   8   O "O2'" . G   A 1 1 ? -9.154  -4.497  10.964  1.00 29.42 ? 1   G   A "O2'" 1 
ATOM   9   C "C1'" . G   A 1 1 ? -7.611  -3.537  12.560  1.00 33.91 ? 1   G   A "C1'" 1 
ATOM   10  N N9    . G   A 1 1 ? -6.336  -2.815  12.566  1.00 34.10 ? 1   G   A N9    1 
ATOM   11  C C8    . G   A 1 1 ? -5.331  -2.924  13.501  1.00 31.20 ? 1   G   A C8    1 
ATOM   12  N N7    . G   A 1 1 ? -4.311  -2.147  13.252  1.00 31.63 ? 1   G   A N7    1 
ATOM   13  C C5    . G   A 1 1 ? -4.659  -1.485  12.081  1.00 30.75 ? 1   G   A C5    1 
ATOM   14  C C6    . G   A 1 1 ? -3.948  -0.515  11.327  1.00 27.71 ? 1   G   A C6    1 
ATOM   15  O O6    . G   A 1 1 ? -2.831  -0.034  11.549  1.00 28.44 ? 1   G   A O6    1 
ATOM   16  N N1    . G   A 1 1 ? -4.669  -0.108  10.210  1.00 28.47 ? 1   G   A N1    1 
ATOM   17  C C2    . G   A 1 1 ? -5.908  -0.580  9.858   1.00 24.76 ? 1   G   A C2    1 
ATOM   18  N N2    . G   A 1 1 ? -6.434  -0.073  8.731   1.00 26.06 ? 1   G   A N2    1 
ATOM   19  N N3    . G   A 1 1 ? -6.582  -1.480  10.552  1.00 25.57 ? 1   G   A N3    1 
ATOM   20  C C4    . G   A 1 1 ? -5.905  -1.886  11.643  1.00 28.88 ? 1   G   A C4    1 
ATOM   21  P P     . U   A 1 2 ? -7.257  -7.615  10.022  1.00 44.09 ? 2   U   A P     1 
ATOM   22  O OP1   . U   A 1 2 ? -8.113  -8.746  9.579   1.00 46.88 ? 2   U   A OP1   1 
ATOM   23  O OP2   . U   A 1 2 ? -5.845  -7.875  10.420  1.00 43.10 ? 2   U   A OP2   1 
ATOM   24  O "O5'" . U   A 1 2 ? -7.244  -6.544  8.849   1.00 40.56 ? 2   U   A "O5'" 1 
ATOM   25  C "C5'" . U   A 1 2 ? -8.360  -6.430  7.960   1.00 38.49 ? 2   U   A "C5'" 1 
ATOM   26  C "C4'" . U   A 1 2 ? -8.125  -5.331  6.955   1.00 34.14 ? 2   U   A "C4'" 1 
ATOM   27  O "O4'" . U   A 1 2 ? -7.792  -4.112  7.667   1.00 28.96 ? 2   U   A "O4'" 1 
ATOM   28  C "C3'" . U   A 1 2 ? -6.959  -5.521  5.994   1.00 33.09 ? 2   U   A "C3'" 1 
ATOM   29  O "O3'" . U   A 1 2 ? -7.351  -6.309  4.872   1.00 41.32 ? 2   U   A "O3'" 1 
ATOM   30  C "C2'" . U   A 1 2 ? -6.676  -4.085  5.582   1.00 31.69 ? 2   U   A "C2'" 1 
ATOM   31  O "O2'" . U   A 1 2 ? -7.623  -3.606  4.642   1.00 33.33 ? 2   U   A "O2'" 1 
ATOM   32  C "C1'" . U   A 1 2 ? -6.853  -3.363  6.918   1.00 25.56 ? 2   U   A "C1'" 1 
ATOM   33  N N1    . U   A 1 2 ? -5.611  -3.306  7.696   1.00 24.70 ? 2   U   A N1    1 
ATOM   34  C C2    . U   A 1 2 ? -4.623  -2.451  7.264   1.00 25.77 ? 2   U   A C2    1 
ATOM   35  O O2    . U   A 1 2 ? -4.735  -1.766  6.266   1.00 29.21 ? 2   U   A O2    1 
ATOM   36  N N3    . U   A 1 2 ? -3.494  -2.434  8.040   1.00 24.34 ? 2   U   A N3    1 
ATOM   37  C C4    . U   A 1 2 ? -3.264  -3.168  9.181   1.00 27.31 ? 2   U   A C4    1 
ATOM   38  O O4    . U   A 1 2 ? -2.220  -2.990  9.815   1.00 29.87 ? 2   U   A O4    1 
ATOM   39  C C5    . U   A 1 2 ? -4.334  -4.039  9.554   1.00 23.72 ? 2   U   A C5    1 
ATOM   40  C C6    . U   A 1 2 ? -5.444  -4.075  8.818   1.00 22.56 ? 2   U   A C6    1 
ATOM   41  P P     . A   A 1 3 ? -6.290  -7.306  4.187   1.00 36.76 ? 3   A   A P     1 
ATOM   42  O OP1   . A   A 1 3 ? -7.013  -8.151  3.205   1.00 40.20 ? 3   A   A OP1   1 
ATOM   43  O OP2   . A   A 1 3 ? -5.518  -7.945  5.282   1.00 40.56 ? 3   A   A OP2   1 
ATOM   44  O "O5'" . A   A 1 3 ? -5.318  -6.344  3.378   1.00 34.16 ? 3   A   A "O5'" 1 
ATOM   45  C "C5'" . A   A 1 3 ? -5.789  -5.639  2.222   1.00 32.45 ? 3   A   A "C5'" 1 
ATOM   46  C "C4'" . A   A 1 3 ? -4.710  -4.734  1.693   1.00 30.76 ? 3   A   A "C4'" 1 
ATOM   47  O "O4'" . A   A 1 3 ? -4.440  -3.678  2.657   1.00 28.60 ? 3   A   A "O4'" 1 
ATOM   48  C "C3'" . A   A 1 3 ? -3.359  -5.393  1.518   1.00 27.47 ? 3   A   A "C3'" 1 
ATOM   49  O "O3'" . A   A 1 3 ? -3.298  -6.158  0.323   1.00 30.31 ? 3   A   A "O3'" 1 
ATOM   50  C "C2'" . A   A 1 3 ? -2.442  -4.181  1.502   1.00 26.48 ? 3   A   A "C2'" 1 
ATOM   51  O "O2'" . A   A 1 3 ? -2.513  -3.476  0.280   1.00 23.10 ? 3   A   A "O2'" 1 
ATOM   52  C "C1'" . A   A 1 3 ? -3.063  -3.336  2.615   1.00 25.09 ? 3   A   A "C1'" 1 
ATOM   53  N N9    . A   A 1 3 ? -2.480  -3.604  3.933   1.00 23.05 ? 3   A   A N9    1 
ATOM   54  C C8    . A   A 1 3 ? -2.938  -4.472  4.898   1.00 24.88 ? 3   A   A C8    1 
ATOM   55  N N7    . A   A 1 3 ? -2.196  -4.500  5.981   1.00 20.67 ? 3   A   A N7    1 
ATOM   56  C C5    . A   A 1 3 ? -1.184  -3.587  5.715   1.00 21.07 ? 3   A   A C5    1 
ATOM   57  C C6    . A   A 1 3 ? -0.075  -3.155  6.469   1.00 15.88 ? 3   A   A C6    1 
ATOM   58  N N6    . A   A 1 3 ? 0.201   -3.587  7.701   1.00 20.10 ? 3   A   A N6    1 
ATOM   59  N N1    . A   A 1 3 ? 0.747   -2.244  5.910   1.00 11.59 ? 3   A   A N1    1 
ATOM   60  C C2    . A   A 1 3 ? 0.463   -1.796  4.681   1.00 16.63 ? 3   A   A C2    1 
ATOM   61  N N3    . A   A 1 3 ? -0.549  -2.118  3.876   1.00 17.74 ? 3   A   A N3    1 
ATOM   62  C C4    . A   A 1 3 ? -1.345  -3.030  4.458   1.00 18.90 ? 3   A   A C4    1 
ATOM   63  P P     . U   A 1 4 ? -2.485  -7.544  0.311   1.00 24.06 ? 4   U   A P     1 
ATOM   64  O OP1   . U   A 1 4 ? -2.842  -8.268  -0.934  1.00 32.38 ? 4   U   A OP1   1 
ATOM   65  O OP2   . U   A 1 4 ? -2.689  -8.205  1.620   1.00 24.90 ? 4   U   A OP2   1 
ATOM   66  O "O5'" . U   A 1 4 ? -0.968  -7.070  0.193   1.00 23.76 ? 4   U   A "O5'" 1 
ATOM   67  C "C5'" . U   A 1 4 ? -0.526  -6.334  -0.964  1.00 25.50 ? 4   U   A "C5'" 1 
ATOM   68  C "C4'" . U   A 1 4 ? 0.829   -5.710  -0.723  1.00 18.87 ? 4   U   A "C4'" 1 
ATOM   69  O "O4'" . U   A 1 4 ? 0.742   -4.729  0.349   1.00 20.83 ? 4   U   A "O4'" 1 
ATOM   70  C "C3'" . U   A 1 4 ? 1.932   -6.628  -0.242  1.00 21.72 ? 4   U   A "C3'" 1 
ATOM   71  O "O3'" . U   A 1 4 ? 2.496   -7.421  -1.277  1.00 26.59 ? 4   U   A "O3'" 1 
ATOM   72  C "C2'" . U   A 1 4 ? 2.924   -5.613  0.300   1.00 20.64 ? 4   U   A "C2'" 1 
ATOM   73  O "O2'" . U   A 1 4 ? 3.587   -4.939  -0.748  1.00 23.06 ? 4   U   A "O2'" 1 
ATOM   74  C "C1'" . U   A 1 4 ? 1.984   -4.662  1.039   1.00 17.24 ? 4   U   A "C1'" 1 
ATOM   75  N N1    . U   A 1 4 ? 1.764   -5.102  2.426   1.00 13.72 ? 4   U   A N1    1 
ATOM   76  C C2    . U   A 1 4 ? 2.671   -4.698  3.384   1.00 15.03 ? 4   U   A C2    1 
ATOM   77  O O2    . U   A 1 4 ? 3.627   -3.991  3.135   1.00 20.14 ? 4   U   A O2    1 
ATOM   78  N N3    . U   A 1 4 ? 2.417   -5.159  4.649   1.00 13.84 ? 4   U   A N3    1 
ATOM   79  C C4    . U   A 1 4 ? 1.378   -5.971  5.044   1.00 15.47 ? 4   U   A C4    1 
ATOM   80  O O4    . U   A 1 4 ? 1.333   -6.369  6.207   1.00 23.40 ? 4   U   A O4    1 
ATOM   81  C C5    . U   A 1 4 ? 0.481   -6.339  3.998   1.00 14.61 ? 4   U   A C5    1 
ATOM   82  C C6    . U   A 1 4 ? 0.698   -5.898  2.755   1.00 9.27  ? 4   U   A C6    1 
ATOM   83  P P     . A   A 1 5 ? 2.998   -8.918  -0.943  1.00 31.18 ? 5   A   A P     1 
ATOM   84  O OP1   . A   A 1 5 ? 3.394   -9.555  -2.225  1.00 30.47 ? 5   A   A OP1   1 
ATOM   85  O OP2   . A   A 1 5 ? 1.985   -9.573  -0.067  1.00 23.09 ? 5   A   A OP2   1 
ATOM   86  O "O5'" . A   A 1 5 ? 4.316   -8.708  -0.069  1.00 30.85 ? 5   A   A "O5'" 1 
ATOM   87  C "C5'" . A   A 1 5 ? 5.503   -8.165  -0.665  1.00 30.19 ? 5   A   A "C5'" 1 
ATOM   88  C "C4'" . A   A 1 5 ? 6.478   -7.735  0.401   1.00 27.95 ? 5   A   A "C4'" 1 
ATOM   89  O "O4'" . A   A 1 5 ? 5.806   -6.818  1.304   1.00 32.06 ? 5   A   A "O4'" 1 
ATOM   90  C "C3'" . A   A 1 5 ? 6.979   -8.807  1.350   1.00 27.00 ? 5   A   A "C3'" 1 
ATOM   91  O "O3'" . A   A 1 5 ? 8.008   -9.615  0.797   1.00 28.25 ? 5   A   A "O3'" 1 
ATOM   92  C "C2'" . A   A 1 5 ? 7.496   -7.958  2.500   1.00 26.13 ? 5   A   A "C2'" 1 
ATOM   93  O "O2'" . A   A 1 5 ? 8.721   -7.315  2.221   1.00 24.93 ? 5   A   A "O2'" 1 
ATOM   94  C "C1'" . A   A 1 5 ? 6.391   -6.912  2.592   1.00 23.81 ? 5   A   A "C1'" 1 
ATOM   95  N N9    . A   A 1 5 ? 5.372   -7.340  3.542   1.00 21.92 ? 5   A   A N9    1 
ATOM   96  C C8    . A   A 1 5 ? 4.107   -7.821  3.316   1.00 18.08 ? 5   A   A C8    1 
ATOM   97  N N7    . A   A 1 5 ? 3.453   -8.116  4.415   1.00 24.97 ? 5   A   A N7    1 
ATOM   98  C C5    . A   A 1 5 ? 4.351   -7.804  5.431   1.00 20.37 ? 5   A   A C5    1 
ATOM   99  C C6    . A   A 1 5 ? 4.265   -7.870  6.833   1.00 15.07 ? 5   A   A C6    1 
ATOM   100 N N6    . A   A 1 5 ? 3.182   -8.266  7.494   1.00 16.90 ? 5   A   A N6    1 
ATOM   101 N N1    . A   A 1 5 ? 5.345   -7.493  7.545   1.00 15.28 ? 5   A   A N1    1 
ATOM   102 C C2    . A   A 1 5 ? 6.430   -7.068  6.891   1.00 10.33 ? 5   A   A C2    1 
ATOM   103 N N3    . A   A 1 5 ? 6.626   -6.947  5.589   1.00 14.41 ? 5   A   A N3    1 
ATOM   104 C C4    . A   A 1 5 ? 5.537   -7.335  4.906   1.00 18.53 ? 5   A   A C4    1 
ATOM   105 P P     . C   A 1 6 ? 8.120   -11.156 1.239   1.00 28.74 ? 6   C   A P     1 
ATOM   106 O OP1   . C   A 1 6 ? 9.002   -11.850 0.271   1.00 30.73 ? 6   C   A OP1   1 
ATOM   107 O OP2   . C   A 1 6 ? 6.735   -11.642 1.460   1.00 32.10 ? 6   C   A OP2   1 
ATOM   108 O "O5'" . C   A 1 6 ? 8.843   -11.099 2.656   1.00 25.88 ? 6   C   A "O5'" 1 
ATOM   109 C "C5'" . C   A 1 6 ? 10.030  -10.314 2.825   1.00 22.34 ? 6   C   A "C5'" 1 
ATOM   110 C "C4'" . C   A 1 6 ? 10.323  -10.092 4.288   1.00 24.66 ? 6   C   A "C4'" 1 
ATOM   111 O "O4'" . C   A 1 6 ? 9.216   -9.403  4.906   1.00 21.93 ? 6   C   A "O4'" 1 
ATOM   112 C "C3'" . C   A 1 6 ? 10.486  -11.328 5.158   1.00 20.06 ? 6   C   A "C3'" 1 
ATOM   113 O "O3'" . C   A 1 6 ? 11.803  -11.834 5.043   1.00 19.36 ? 6   C   A "O3'" 1 
ATOM   114 C "C2'" . C   A 1 6 ? 10.268  -10.756 6.538   1.00 15.64 ? 6   C   A "C2'" 1 
ATOM   115 O "O2'" . C   A 1 6 ? 11.419  -10.050 6.921   1.00 19.51 ? 6   C   A "O2'" 1 
ATOM   116 C "C1'" . C   A 1 6 ? 9.156   -9.746  6.280   1.00 20.15 ? 6   C   A "C1'" 1 
ATOM   117 N N1    . C   A 1 6 ? 7.819   -10.270 6.564   1.00 16.87 ? 6   C   A N1    1 
ATOM   118 C C2    . C   A 1 6 ? 7.348   -10.209 7.870   1.00 19.62 ? 6   C   A C2    1 
ATOM   119 O O2    . C   A 1 6 ? 8.084   -9.745  8.745   1.00 28.66 ? 6   C   A O2    1 
ATOM   120 N N3    . C   A 1 6 ? 6.106   -10.661 8.151   1.00 17.34 ? 6   C   A N3    1 
ATOM   121 C C4    . C   A 1 6 ? 5.348   -11.164 7.175   1.00 19.73 ? 6   C   A C4    1 
ATOM   122 N N4    . C   A 1 6 ? 4.124   -11.573 7.492   1.00 19.02 ? 6   C   A N4    1 
ATOM   123 C C5    . C   A 1 6 ? 5.812   -11.256 5.829   1.00 18.30 ? 6   C   A C5    1 
ATOM   124 C C6    . C   A 1 6 ? 7.042   -10.798 5.567   1.00 17.65 ? 6   C   A C6    1 
ATOM   125 P P     . A   A 1 7 ? 12.028  -13.425 5.043   1.00 20.33 ? 7   A   A P     1 
ATOM   126 O OP1   . A   A 1 7 ? 13.374  -13.663 4.481   1.00 16.66 ? 7   A   A OP1   1 
ATOM   127 O OP2   . A   A 1 7 ? 10.842  -14.017 4.433   1.00 20.87 ? 7   A   A OP2   1 
ATOM   128 O "O5'" . A   A 1 7 ? 11.981  -13.798 6.583   1.00 26.08 ? 7   A   A "O5'" 1 
ATOM   129 C "C5'" . A   A 1 7 ? 12.774  -13.061 7.530   1.00 14.58 ? 7   A   A "C5'" 1 
ATOM   130 C "C4'" . A   A 1 7 ? 12.133  -13.079 8.898   1.00 19.41 ? 7   A   A "C4'" 1 
ATOM   131 O "O4'" . A   A 1 7 ? 10.755  -12.620 8.852   1.00 19.34 ? 7   A   A "O4'" 1 
ATOM   132 C "C3'" . A   A 1 7 ? 11.975  -14.436 9.562   1.00 23.14 ? 7   A   A "C3'" 1 
ATOM   133 O "O3'" . A   A 1 7 ? 13.215  -14.857 10.129  1.00 30.13 ? 7   A   A "O3'" 1 
ATOM   134 C "C2'" . A   A 1 7 ? 10.977  -14.127 10.677  1.00 25.72 ? 7   A   A "C2'" 1 
ATOM   135 O "O2'" . A   A 1 7 ? 11.678  -13.606 11.769  1.00 25.47 ? 7   A   A "O2'" 1 
ATOM   136 C "C1'" . A   A 1 7 ? 10.143  -12.985 10.078  1.00 18.49 ? 7   A   A "C1'" 1 
ATOM   137 N N9    . A   A 1 7 ? 8.715   -13.254 9.914   1.00 16.25 ? 7   A   A N9    1 
ATOM   138 C C8    . A   A 1 7 ? 7.736   -12.904 10.811  1.00 16.20 ? 7   A   A C8    1 
ATOM   139 N N7    . A   A 1 7 ? 6.533   -13.305 10.472  1.00 19.61 ? 7   A   A N7    1 
ATOM   140 C C5    . A   A 1 7 ? 6.730   -13.942 9.258   1.00 24.16 ? 7   A   A C5    1 
ATOM   141 C C6    . A   A 1 7 ? 5.849   -14.567 8.364   1.00 25.50 ? 7   A   A C6    1 
ATOM   142 N N6    . A   A 1 7 ? 4.537   -14.682 8.572   1.00 33.45 ? 7   A   A N6    1 
ATOM   143 N N1    . A   A 1 7 ? 6.371   -15.090 7.234   1.00 32.86 ? 7   A   A N1    1 
ATOM   144 C C2    . A   A 1 7 ? 7.693   -14.994 7.032   1.00 28.84 ? 7   A   A C2    1 
ATOM   145 N N3    . A   A 1 7 ? 8.621   -14.437 7.795   1.00 18.75 ? 7   A   A N3    1 
ATOM   146 C C4    . A   A 1 7 ? 8.073   -13.917 8.899   1.00 18.48 ? 7   A   A C4    1 
ATOM   147 P P     . DC  A 1 8 ? 13.710  -16.384 9.962   1.00 31.92 ? 8   DC  A P     1 
ATOM   148 O OP1   . DC  A 1 8 ? 14.819  -16.406 8.972   1.00 27.83 ? 8   DC  A OP1   1 
ATOM   149 O OP2   . DC  A 1 8 ? 12.498  -17.210 9.730   1.00 32.70 ? 8   DC  A OP2   1 
ATOM   150 O "O5'" . DC  A 1 8 ? 14.280  -16.771 11.395  1.00 26.36 ? 8   DC  A "O5'" 1 
ATOM   151 C "C5'" . DC  A 1 8 ? 13.402  -16.974 12.508  1.00 23.39 ? 8   DC  A "C5'" 1 
ATOM   152 C "C4'" . DC  A 1 8 ? 14.181  -17.547 13.674  1.00 23.86 ? 8   DC  A "C4'" 1 
ATOM   153 O "O4'" . DC  A 1 8 ? 14.671  -18.862 13.314  1.00 27.98 ? 8   DC  A "O4'" 1 
ATOM   154 C "C3'" . DC  A 1 8 ? 15.414  -16.733 14.079  1.00 24.28 ? 8   DC  A "C3'" 1 
ATOM   155 O "O3'" . DC  A 1 8 ? 15.650  -16.779 15.491  1.00 21.47 ? 8   DC  A "O3'" 1 
ATOM   156 C "C2'" . DC  A 1 8 ? 16.554  -17.467 13.396  1.00 20.16 ? 8   DC  A "C2'" 1 
ATOM   157 C "C1'" . DC  A 1 8 ? 16.084  -18.910 13.465  1.00 24.87 ? 8   DC  A "C1'" 1 
ATOM   158 N N1    . DC  A 1 8 ? 16.624  -19.760 12.396  1.00 27.21 ? 8   DC  A N1    1 
ATOM   159 C C2    . DC  A 1 8 ? 17.512  -20.784 12.729  1.00 26.25 ? 8   DC  A C2    1 
ATOM   160 O O2    . DC  A 1 8 ? 17.801  -20.957 13.920  1.00 26.30 ? 8   DC  A O2    1 
ATOM   161 N N3    . DC  A 1 8 ? 18.031  -21.558 11.742  1.00 24.62 ? 8   DC  A N3    1 
ATOM   162 C C4    . DC  A 1 8 ? 17.690  -21.334 10.469  1.00 24.98 ? 8   DC  A C4    1 
ATOM   163 N N4    . DC  A 1 8 ? 18.228  -22.111 9.522   1.00 16.12 ? 8   DC  A N4    1 
ATOM   164 C C5    . DC  A 1 8 ? 16.780  -20.300 10.107  1.00 25.48 ? 8   DC  A C5    1 
ATOM   165 C C6    . DC  A 1 8 ? 16.275  -19.546 11.092  1.00 28.43 ? 8   DC  A C6    1 
ATOM   166 O "O5'" . G   B 1 1 ? 1.778   -8.169  16.816  1.00 51.83 ? 9   G   B "O5'" 1 
ATOM   167 C "C5'" . G   B 1 1 ? 2.496   -8.201  18.056  1.00 48.17 ? 9   G   B "C5'" 1 
ATOM   168 C "C4'" . G   B 1 1 ? 3.937   -8.566  17.816  1.00 41.62 ? 9   G   B "C4'" 1 
ATOM   169 O "O4'" . G   B 1 1 ? 3.977   -9.848  17.145  1.00 39.46 ? 9   G   B "O4'" 1 
ATOM   170 C "C3'" . G   B 1 1 ? 4.677   -7.613  16.892  1.00 40.24 ? 9   G   B "C3'" 1 
ATOM   171 O "O3'" . G   B 1 1 ? 5.264   -6.550  17.632  1.00 43.44 ? 9   G   B "O3'" 1 
ATOM   172 C "C2'" . G   B 1 1 ? 5.724   -8.518  16.261  1.00 41.24 ? 9   G   B "C2'" 1 
ATOM   173 O "O2'" . G   B 1 1 ? 6.840   -8.743  17.102  1.00 38.68 ? 9   G   B "O2'" 1 
ATOM   174 C "C1'" . G   B 1 1 ? 4.929   -9.813  16.099  1.00 39.54 ? 9   G   B "C1'" 1 
ATOM   175 N N9    . G   B 1 1 ? 4.192   -9.919  14.845  1.00 35.65 ? 9   G   B N9    1 
ATOM   176 C C8    . G   B 1 1 ? 2.826   -9.982  14.710  1.00 34.99 ? 9   G   B C8    1 
ATOM   177 N N7    . G   B 1 1 ? 2.440   -10.109 13.471  1.00 35.06 ? 9   G   B N7    1 
ATOM   178 C C5    . G   B 1 1 ? 3.621   -10.126 12.742  1.00 31.06 ? 9   G   B C5    1 
ATOM   179 C C6    . G   B 1 1 ? 3.833   -10.258 11.348  1.00 28.80 ? 9   G   B C6    1 
ATOM   180 O O6    . G   B 1 1 ? 2.995   -10.410 10.455  1.00 26.19 ? 9   G   B O6    1 
ATOM   181 N N1    . G   B 1 1 ? 5.188   -10.215 11.030  1.00 26.55 ? 9   G   B N1    1 
ATOM   182 C C2    . G   B 1 1 ? 6.208   -10.074 11.943  1.00 20.92 ? 9   G   B C2    1 
ATOM   183 N N2    . G   B 1 1 ? 7.453   -10.053 11.444  1.00 16.77 ? 9   G   B N2    1 
ATOM   184 N N3    . G   B 1 1 ? 6.020   -9.962  13.247  1.00 24.83 ? 9   G   B N3    1 
ATOM   185 C C4    . G   B 1 1 ? 4.712   -9.997  13.575  1.00 29.79 ? 9   G   B C4    1 
ATOM   186 P P     . U   B 1 2 ? 5.430   -5.104  16.954  1.00 41.30 ? 10  U   B P     1 
ATOM   187 O OP1   . U   B 1 2 ? 5.950   -4.183  17.991  1.00 43.81 ? 10  U   B OP1   1 
ATOM   188 O OP2   . U   B 1 2 ? 4.151   -4.784  16.260  1.00 45.60 ? 10  U   B OP2   1 
ATOM   189 O "O5'" . U   B 1 2 ? 6.563   -5.320  15.851  1.00 37.91 ? 10  U   B "O5'" 1 
ATOM   190 C "C5'" . U   B 1 2 ? 7.951   -5.404  16.227  1.00 33.59 ? 10  U   B "C5'" 1 
ATOM   191 C "C4'" . U   B 1 2 ? 8.830   -5.505  14.998  1.00 28.45 ? 10  U   B "C4'" 1 
ATOM   192 O "O4'" . U   B 1 2 ? 8.500   -6.717  14.267  1.00 29.56 ? 10  U   B "O4'" 1 
ATOM   193 C "C3'" . U   B 1 2 ? 8.661   -4.406  13.965  1.00 29.16 ? 10  U   B "C3'" 1 
ATOM   194 O "O3'" . U   B 1 2 ? 9.410   -3.250  14.306  1.00 31.68 ? 10  U   B "O3'" 1 
ATOM   195 C "C2'" . U   B 1 2 ? 9.189   -5.081  12.709  1.00 22.64 ? 10  U   B "C2'" 1 
ATOM   196 O "O2'" . U   B 1 2 ? 10.595  -5.181  12.686  1.00 24.13 ? 10  U   B "O2'" 1 
ATOM   197 C "C1'" . U   B 1 2 ? 8.603   -6.478  12.873  1.00 28.80 ? 10  U   B "C1'" 1 
ATOM   198 N N1    . U   B 1 2 ? 7.256   -6.576  12.300  1.00 30.84 ? 10  U   B N1    1 
ATOM   199 C C2    . U   B 1 2 ? 7.155   -6.756  10.940  1.00 27.07 ? 10  U   B C2    1 
ATOM   200 O O2    . U   B 1 2 ? 8.129   -6.793  10.205  1.00 23.49 ? 10  U   B O2    1 
ATOM   201 N N3    . U   B 1 2 ? 5.870   -6.885  10.472  1.00 25.17 ? 10  U   B N3    1 
ATOM   202 C C4    . U   B 1 2 ? 4.705   -6.834  11.213  1.00 25.59 ? 10  U   B C4    1 
ATOM   203 O O4    . U   B 1 2 ? 3.626   -7.033  10.658  1.00 24.71 ? 10  U   B O4    1 
ATOM   204 C C5    . U   B 1 2 ? 4.897   -6.610  12.611  1.00 24.00 ? 10  U   B C5    1 
ATOM   205 C C6    . U   B 1 2 ? 6.135   -6.496  13.095  1.00 30.54 ? 10  U   B C6    1 
ATOM   206 P P     . A   B 1 3 ? 8.771   -1.799  14.071  1.00 33.39 ? 11  A   B P     1 
ATOM   207 O OP1   . A   B 1 3 ? 9.655   -0.799  14.725  1.00 38.00 ? 11  A   B OP1   1 
ATOM   208 O OP2   . A   B 1 3 ? 7.334   -1.872  14.451  1.00 30.55 ? 11  A   B OP2   1 
ATOM   209 O "O5'" . A   B 1 3 ? 8.877   -1.592  12.497  1.00 30.86 ? 11  A   B "O5'" 1 
ATOM   210 C "C5'" . A   B 1 3 ? 10.152  -1.335  11.876  1.00 27.33 ? 11  A   B "C5'" 1 
ATOM   211 C "C4'" . A   B 1 3 ? 9.983   -1.137  10.387  1.00 23.31 ? 11  A   B "C4'" 1 
ATOM   212 O "O4'" . A   B 1 3 ? 9.576   -2.388  9.773   1.00 29.18 ? 11  A   B "O4'" 1 
ATOM   213 C "C3'" . A   B 1 3 ? 8.899   -0.161  9.967   1.00 25.46 ? 11  A   B "C3'" 1 
ATOM   214 O "O3'" . A   B 1 3 ? 9.368   1.182   10.041  1.00 28.59 ? 11  A   B "O3'" 1 
ATOM   215 C "C2'" . A   B 1 3 ? 8.622   -0.603  8.534   1.00 22.95 ? 11  A   B "C2'" 1 
ATOM   216 O "O2'" . A   B 1 3 ? 9.586   -0.139  7.611   1.00 22.80 ? 11  A   B "O2'" 1 
ATOM   217 C "C1'" . A   B 1 3 ? 8.736   -2.123  8.660   1.00 21.15 ? 11  A   B "C1'" 1 
ATOM   218 N N9    . A   B 1 3 ? 7.442   -2.752  8.911   1.00 18.80 ? 11  A   B N9    1 
ATOM   219 C C8    . A   B 1 3 ? 6.880   -3.052  10.128  1.00 16.47 ? 11  A   B C8    1 
ATOM   220 N N7    . A   B 1 3 ? 5.685   -3.582  10.040  1.00 15.54 ? 11  A   B N7    1 
ATOM   221 C C5    . A   B 1 3 ? 5.451   -3.652  8.676   1.00 14.01 ? 11  A   B C5    1 
ATOM   222 C C6    . A   B 1 3 ? 4.361   -4.115  7.931   1.00 16.67 ? 11  A   B C6    1 
ATOM   223 N N6    . A   B 1 3 ? 3.259   -4.640  8.485   1.00 20.57 ? 11  A   B N6    1 
ATOM   224 N N1    . A   B 1 3 ? 4.436   -4.028  6.583   1.00 12.66 ? 11  A   B N1    1 
ATOM   225 C C2    . A   B 1 3 ? 5.546   -3.519  6.035   1.00 12.71 ? 11  A   B C2    1 
ATOM   226 N N3    . A   B 1 3 ? 6.641   -3.056  6.630   1.00 15.78 ? 11  A   B N3    1 
ATOM   227 C C4    . A   B 1 3 ? 6.528   -3.148  7.965   1.00 14.97 ? 11  A   B C4    1 
ATOM   228 P P     . U   B 1 4 ? 8.349   2.370   10.415  1.00 23.71 ? 12  U   B P     1 
ATOM   229 O OP1   . U   B 1 4 ? 9.176   3.568   10.679  1.00 27.89 ? 12  U   B OP1   1 
ATOM   230 O OP2   . U   B 1 4 ? 7.384   1.897   11.446  1.00 21.14 ? 12  U   B OP2   1 
ATOM   231 O "O5'" . U   B 1 4 ? 7.544   2.614   9.062   1.00 22.63 ? 12  U   B "O5'" 1 
ATOM   232 C "C5'" . U   B 1 4 ? 8.215   3.120   7.902   1.00 19.70 ? 12  U   B "C5'" 1 
ATOM   233 C "C4'" . U   B 1 4 ? 7.308   3.054   6.699   1.00 21.22 ? 12  U   B "C4'" 1 
ATOM   234 O "O4'" . U   B 1 4 ? 7.016   1.667   6.382   1.00 23.95 ? 12  U   B "O4'" 1 
ATOM   235 C "C3'" . U   B 1 4 ? 5.930   3.662   6.863   1.00 21.71 ? 12  U   B "C3'" 1 
ATOM   236 O "O3'" . U   B 1 4 ? 5.954   5.071   6.723   1.00 23.92 ? 12  U   B "O3'" 1 
ATOM   237 C "C2'" . U   B 1 4 ? 5.178   2.998   5.723   1.00 20.75 ? 12  U   B "C2'" 1 
ATOM   238 O "O2'" . U   B 1 4 ? 5.548   3.562   4.481   1.00 16.18 ? 12  U   B "O2'" 1 
ATOM   239 C "C1'" . U   B 1 4 ? 5.716   1.570   5.822   1.00 17.54 ? 12  U   B "C1'" 1 
ATOM   240 N N1    . U   B 1 4 ? 4.907   0.729   6.711   1.00 15.50 ? 12  U   B N1    1 
ATOM   241 C C2    . U   B 1 4 ? 3.834   0.053   6.168   1.00 16.16 ? 12  U   B C2    1 
ATOM   242 O O2    . U   B 1 4 ? 3.547   0.103   4.989   1.00 17.99 ? 12  U   B O2    1 
ATOM   243 N N3    . U   B 1 4 ? 3.114   -0.697  7.059   1.00 17.15 ? 12  U   B N3    1 
ATOM   244 C C4    . U   B 1 4 ? 3.359   -0.850  8.406   1.00 16.73 ? 12  U   B C4    1 
ATOM   245 O O4    . U   B 1 4 ? 2.611   -1.562  9.077   1.00 21.74 ? 12  U   B O4    1 
ATOM   246 C C5    . U   B 1 4 ? 4.493   -0.130  8.892   1.00 11.72 ? 12  U   B C5    1 
ATOM   247 C C6    . U   B 1 4 ? 5.209   0.620   8.048   1.00 14.21 ? 12  U   B C6    1 
ATOM   248 P P     . A   B 1 5 ? 4.828   5.957   7.446   1.00 21.60 ? 13  A   B P     1 
ATOM   249 O OP1   . A   B 1 5 ? 5.164   7.383   7.204   1.00 30.06 ? 13  A   B OP1   1 
ATOM   250 O OP2   . A   B 1 5 ? 4.652   5.465   8.829   1.00 21.01 ? 13  A   B OP2   1 
ATOM   251 O "O5'" . A   B 1 5 ? 3.492   5.616   6.647   1.00 27.32 ? 13  A   B "O5'" 1 
ATOM   252 C "C5'" . A   B 1 5 ? 3.365   5.954   5.253   1.00 22.64 ? 13  A   B "C5'" 1 
ATOM   253 C "C4'" . A   B 1 5 ? 2.092   5.374   4.685   1.00 23.72 ? 13  A   B "C4'" 1 
ATOM   254 O "O4'" . A   B 1 5 ? 2.114   3.929   4.834   1.00 26.81 ? 13  A   B "O4'" 1 
ATOM   255 C "C3'" . A   B 1 5 ? 0.805   5.765   5.388   1.00 27.23 ? 13  A   B "C3'" 1 
ATOM   256 O "O3'" . A   B 1 5 ? 0.347   7.046   4.989   1.00 30.77 ? 13  A   B "O3'" 1 
ATOM   257 C "C2'" . A   B 1 5 ? -0.146  4.660   4.950   1.00 23.43 ? 13  A   B "C2'" 1 
ATOM   258 O "O2'" . A   B 1 5 ? -0.684  4.852   3.655   1.00 18.31 ? 13  A   B "O2'" 1 
ATOM   259 C "C1'" . A   B 1 5 ? 0.786   3.445   4.970   1.00 21.95 ? 13  A   B "C1'" 1 
ATOM   260 N N9    . A   B 1 5 ? 0.692   2.678   6.216   1.00 19.12 ? 13  A   B N9    1 
ATOM   261 C C8    . A   B 1 5 ? 1.517   2.711   7.314   1.00 16.73 ? 13  A   B C8    1 
ATOM   262 N N7    . A   B 1 5 ? 1.154   1.885   8.271   1.00 18.58 ? 13  A   B N7    1 
ATOM   263 C C5    . A   B 1 5 ? 0.012   1.272   7.767   1.00 18.75 ? 13  A   B C5    1 
ATOM   264 C C6    . A   B 1 5 ? -0.860  0.288   8.293   1.00 19.18 ? 13  A   B C6    1 
ATOM   265 N N6    . A   B 1 5 ? -0.723  -0.265  9.498   1.00 14.97 ? 13  A   B N6    1 
ATOM   266 N N1    . A   B 1 5 ? -1.896  -0.107  7.523   1.00 20.60 ? 13  A   B N1    1 
ATOM   267 C C2    . A   B 1 5 ? -2.052  0.457   6.320   1.00 20.01 ? 13  A   B C2    1 
ATOM   268 N N3    . A   B 1 5 ? -1.314  1.390   5.723   1.00 18.20 ? 13  A   B N3    1 
ATOM   269 C C4    . A   B 1 5 ? -0.285  1.754   6.504   1.00 17.78 ? 13  A   B C4    1 
ATOM   270 P P     . C   B 1 6 ? -0.397  7.985   6.057   1.00 29.51 ? 14  C   B P     1 
ATOM   271 O OP1   . C   B 1 6 ? -0.452  9.359   5.511   1.00 38.84 ? 14  C   B OP1   1 
ATOM   272 O OP2   . C   B 1 6 ? 0.228   7.755   7.381   1.00 32.58 ? 14  C   B OP2   1 
ATOM   273 O "O5'" . C   B 1 6 ? -1.869  7.389   6.111   1.00 29.54 ? 14  C   B "O5'" 1 
ATOM   274 C "C5'" . C   B 1 6 ? -2.608  7.152   4.907   1.00 43.25 ? 14  C   B "C5'" 1 
ATOM   275 C "C4'" . C   B 1 6 ? -3.735  6.190   5.178   1.00 49.07 ? 14  C   B "C4'" 1 
ATOM   276 O "O4'" . C   B 1 6 ? -3.193  4.877   5.485   1.00 47.59 ? 14  C   B "O4'" 1 
ATOM   277 C "C3'" . C   B 1 6 ? -4.566  6.518   6.404   1.00 59.22 ? 14  C   B "C3'" 1 
ATOM   278 O "O3'" . C   B 1 6 ? -5.523  7.542   6.144   1.00 75.19 ? 14  C   B "O3'" 1 
ATOM   279 C "C2'" . C   B 1 6 ? -5.200  5.170   6.723   1.00 53.53 ? 14  C   B "C2'" 1 
ATOM   280 O "O2'" . C   B 1 6 ? -6.315  4.857   5.911   1.00 56.96 ? 14  C   B "O2'" 1 
ATOM   281 C "C1'" . C   B 1 6 ? -4.049  4.214   6.405   1.00 47.92 ? 14  C   B "C1'" 1 
ATOM   282 N N1    . C   B 1 6 ? -3.275  3.881   7.609   1.00 40.58 ? 14  C   B N1    1 
ATOM   283 C C2    . C   B 1 6 ? -3.610  2.730   8.330   1.00 38.30 ? 14  C   B C2    1 
ATOM   284 O O2    . C   B 1 6 ? -4.520  2.001   7.911   1.00 35.88 ? 14  C   B O2    1 
ATOM   285 N N3    . C   B 1 6 ? -2.932  2.441   9.460   1.00 36.28 ? 14  C   B N3    1 
ATOM   286 C C4    . C   B 1 6 ? -1.955  3.245   9.875   1.00 34.10 ? 14  C   B C4    1 
ATOM   287 N N4    . C   B 1 6 ? -1.326  2.929   11.004  1.00 34.71 ? 14  C   B N4    1 
ATOM   288 C C5    . C   B 1 6 ? -1.581  4.410   9.151   1.00 33.79 ? 14  C   B C5    1 
ATOM   289 C C6    . C   B 1 6 ? -2.261  4.688   8.033   1.00 36.35 ? 14  C   B C6    1 
ATOM   290 P P     . A   B 1 7 ? -5.559  8.846   7.093   1.00 85.04 ? 15  A   B P     1 
ATOM   291 O OP1   . A   B 1 7 ? -4.281  9.586   6.933   1.00 87.54 ? 15  A   B OP1   1 
ATOM   292 O OP2   . A   B 1 7 ? -5.984  8.390   8.442   1.00 82.39 ? 15  A   B OP2   1 
ATOM   293 O "O5'" . A   B 1 7 ? -6.734  9.740   6.501   1.00 87.67 ? 15  A   B "O5'" 1 
ATOM   294 C "C5'" . A   B 1 7 ? -8.100  9.354   6.695   1.00 91.15 ? 15  A   B "C5'" 1 
ATOM   295 C "C4'" . A   B 1 7 ? -9.019  10.249  5.908   1.00 93.16 ? 15  A   B "C4'" 1 
ATOM   296 O "O4'" . A   B 1 7 ? -8.458  10.515  4.600   1.00 93.75 ? 15  A   B "O4'" 1 
ATOM   297 C "C3'" . A   B 1 7 ? -10.383 9.636   5.671   1.00 92.24 ? 15  A   B "C3'" 1 
ATOM   298 O "O3'" . A   B 1 7 ? -11.239 9.970   6.758   1.00 88.45 ? 15  A   B "O3'" 1 
ATOM   299 C "C2'" . A   B 1 7 ? -10.818 10.248  4.341   1.00 93.38 ? 15  A   B "C2'" 1 
ATOM   300 O "O2'" . A   B 1 7 ? -11.470 11.494  4.481   1.00 94.36 ? 15  A   B "O2'" 1 
ATOM   301 C "C1'" . A   B 1 7 ? -9.474  10.434  3.620   1.00 92.94 ? 15  A   B "C1'" 1 
ATOM   302 N N9    . A   B 1 7 ? -9.081  9.376   2.690   1.00 93.10 ? 15  A   B N9    1 
ATOM   303 C C8    . A   B 1 7 ? -8.461  8.192   3.005   1.00 93.17 ? 15  A   B C8    1 
ATOM   304 N N7    . A   B 1 7 ? -8.146  7.467   1.960   1.00 95.37 ? 15  A   B N7    1 
ATOM   305 C C5    . A   B 1 7 ? -8.605  8.215   0.885   1.00 93.73 ? 15  A   B C5    1 
ATOM   306 C C6    . A   B 1 7 ? -8.559  8.003   -0.503  1.00 91.97 ? 15  A   B C6    1 
ATOM   307 N N6    . A   B 1 7 ? -7.991  6.936   -1.071  1.00 92.04 ? 15  A   B N6    1 
ATOM   308 N N1    . A   B 1 7 ? -9.114  8.941   -1.298  1.00 92.62 ? 15  A   B N1    1 
ATOM   309 C C2    . A   B 1 7 ? -9.664  10.020  -0.730  1.00 91.41 ? 15  A   B C2    1 
ATOM   310 N N3    . A   B 1 7 ? -9.760  10.339  0.557   1.00 91.88 ? 15  A   B N3    1 
ATOM   311 C C4    . A   B 1 7 ? -9.203  9.385   1.321   1.00 92.83 ? 15  A   B C4    1 
ATOM   312 P P     . DC  B 1 8 ? -12.161 8.838   7.422   1.00 89.12 ? 16  DC  B P     1 
ATOM   313 O OP1   . DC  B 1 8 ? -12.500 9.264   8.799   1.00 89.81 ? 16  DC  B OP1   1 
ATOM   314 O OP2   . DC  B 1 8 ? -11.519 7.513   7.199   1.00 85.98 ? 16  DC  B OP2   1 
ATOM   315 O "O5'" . DC  B 1 8 ? -13.497 8.925   6.563   1.00 85.26 ? 16  DC  B "O5'" 1 
ATOM   316 C "C5'" . DC  B 1 8 ? -14.159 10.192  6.386   1.00 73.65 ? 16  DC  B "C5'" 1 
ATOM   317 C "C4'" . DC  B 1 8 ? -15.101 10.128  5.211   1.00 65.21 ? 16  DC  B "C4'" 1 
ATOM   318 O "O4'" . DC  B 1 8 ? -14.327 9.966   3.994   1.00 57.30 ? 16  DC  B "O4'" 1 
ATOM   319 C "C3'" . DC  B 1 8 ? -16.073 8.946   5.267   1.00 62.94 ? 16  DC  B "C3'" 1 
ATOM   320 O "O3'" . DC  B 1 8 ? -17.402 9.273   4.849   1.00 66.43 ? 16  DC  B "O3'" 1 
ATOM   321 C "C2'" . DC  B 1 8 ? -15.476 7.952   4.289   1.00 59.10 ? 16  DC  B "C2'" 1 
ATOM   322 C "C1'" . DC  B 1 8 ? -14.821 8.858   3.263   1.00 55.72 ? 16  DC  B "C1'" 1 
ATOM   323 N N1    . DC  B 1 8 ? -13.692 8.215   2.574   1.00 53.10 ? 16  DC  B N1    1 
ATOM   324 C C2    . DC  B 1 8 ? -13.273 8.704   1.327   1.00 48.92 ? 16  DC  B C2    1 
ATOM   325 O O2    . DC  B 1 8 ? -13.806 9.730   0.874   1.00 50.68 ? 16  DC  B O2    1 
ATOM   326 N N3    . DC  B 1 8 ? -12.296 8.050   0.654   1.00 41.02 ? 16  DC  B N3    1 
ATOM   327 C C4    . DC  B 1 8 ? -11.733 6.962   1.188   1.00 39.65 ? 16  DC  B C4    1 
ATOM   328 N N4    . DC  B 1 8 ? -10.807 6.320   0.479   1.00 31.32 ? 16  DC  B N4    1 
ATOM   329 C C5    . DC  B 1 8 ? -12.105 6.476   2.473   1.00 46.04 ? 16  DC  B C5    1 
ATOM   330 C C6    . DC  B 1 8 ? -13.077 7.125   3.126   1.00 51.21 ? 16  DC  B C6    1 
ATOM   331 O "O5'" . G   C 1 1 ? 5.635   3.113   -14.372 1.00 51.60 ? 17  G   C "O5'" 1 
ATOM   332 C "C5'" . G   C 1 1 ? 6.696   2.204   -14.673 1.00 44.59 ? 17  G   C "C5'" 1 
ATOM   333 C "C4'" . G   C 1 1 ? 7.410   1.754   -13.422 1.00 41.57 ? 17  G   C "C4'" 1 
ATOM   334 O "O4'" . G   C 1 1 ? 7.878   2.922   -12.702 1.00 39.73 ? 17  G   C "O4'" 1 
ATOM   335 C "C3'" . G   C 1 1 ? 6.539   1.018   -12.418 1.00 40.43 ? 17  G   C "C3'" 1 
ATOM   336 O "O3'" . G   C 1 1 ? 6.467   -0.363  -12.735 1.00 37.84 ? 17  G   C "O3'" 1 
ATOM   337 C "C2'" . G   C 1 1 ? 7.270   1.271   -11.107 1.00 36.99 ? 17  G   C "C2'" 1 
ATOM   338 O "O2'" . G   C 1 1 ? 8.391   0.427   -10.928 1.00 37.60 ? 17  G   C "O2'" 1 
ATOM   339 C "C1'" . G   C 1 1 ? 7.748   2.708   -11.311 1.00 36.14 ? 17  G   C "C1'" 1 
ATOM   340 N N9    . G   C 1 1 ? 6.838   3.718   -10.784 1.00 33.75 ? 17  G   C N9    1 
ATOM   341 C C8    . G   C 1 1 ? 6.088   4.621   -11.500 1.00 29.56 ? 17  G   C C8    1 
ATOM   342 N N7    . G   C 1 1 ? 5.399   5.428   -10.740 1.00 32.48 ? 17  G   C N7    1 
ATOM   343 C C5    . G   C 1 1 ? 5.710   5.031   -9.445  1.00 28.29 ? 17  G   C C5    1 
ATOM   344 C C6    . G   C 1 1 ? 5.279   5.547   -8.193  1.00 28.70 ? 17  G   C C6    1 
ATOM   345 O O6    . G   C 1 1 ? 4.518   6.496   -7.967  1.00 33.66 ? 17  G   C O6    1 
ATOM   346 N N1    . G   C 1 1 ? 5.836   4.838   -7.134  1.00 25.82 ? 17  G   C N1    1 
ATOM   347 C C2    . G   C 1 1 ? 6.693   3.771   -7.261  1.00 30.06 ? 17  G   C C2    1 
ATOM   348 N N2    . G   C 1 1 ? 7.115   3.202   -6.119  1.00 31.92 ? 17  G   C N2    1 
ATOM   349 N N3    . G   C 1 1 ? 7.109   3.294   -8.419  1.00 26.03 ? 17  G   C N3    1 
ATOM   350 C C4    . G   C 1 1 ? 6.583   3.966   -9.460  1.00 28.80 ? 17  G   C C4    1 
ATOM   351 P P     . U   C 1 2 ? 5.064   -1.126  -12.612 1.00 38.05 ? 18  U   C P     1 
ATOM   352 O OP1   . U   C 1 2 ? 5.150   -2.399  -13.371 1.00 41.56 ? 18  U   C OP1   1 
ATOM   353 O OP2   . U   C 1 2 ? 3.992   -0.148  -12.933 1.00 38.10 ? 18  U   C OP2   1 
ATOM   354 O "O5'" . U   C 1 2 ? 4.969   -1.474  -11.066 1.00 36.16 ? 18  U   C "O5'" 1 
ATOM   355 C "C5'" . U   C 1 2 ? 5.917   -2.362  -10.460 1.00 35.96 ? 18  U   C "C5'" 1 
ATOM   356 C "C4'" . U   C 1 2 ? 5.789   -2.302  -8.961  1.00 33.19 ? 18  U   C "C4'" 1 
ATOM   357 O "O4'" . U   C 1 2 ? 6.158   -0.973  -8.509  1.00 31.73 ? 18  U   C "O4'" 1 
ATOM   358 C "C3'" . U   C 1 2 ? 4.377   -2.479  -8.432  1.00 32.27 ? 18  U   C "C3'" 1 
ATOM   359 O "O3'" . U   C 1 2 ? 4.038   -3.857  -8.347  1.00 33.79 ? 18  U   C "O3'" 1 
ATOM   360 C "C2'" . U   C 1 2 ? 4.480   -1.811  -7.072  1.00 29.46 ? 18  U   C "C2'" 1 
ATOM   361 O "O2'" . U   C 1 2 ? 5.165   -2.611  -6.136  1.00 37.05 ? 18  U   C "O2'" 1 
ATOM   362 C "C1'" . U   C 1 2 ? 5.351   -0.601  -7.407  1.00 29.67 ? 18  U   C "C1'" 1 
ATOM   363 N N1    . U   C 1 2 ? 4.555   0.570   -7.796  1.00 25.37 ? 18  U   C N1    1 
ATOM   364 C C2    . U   C 1 2 ? 4.005   1.334   -6.786  1.00 25.79 ? 18  U   C C2    1 
ATOM   365 O O2    . U   C 1 2 ? 4.193   1.103   -5.603  1.00 24.24 ? 18  U   C O2    1 
ATOM   366 N N3    . U   C 1 2 ? 3.234   2.382   -7.209  1.00 26.52 ? 18  U   C N3    1 
ATOM   367 C C4    . U   C 1 2 ? 2.974   2.744   -8.510  1.00 25.09 ? 18  U   C C4    1 
ATOM   368 O O4    . U   C 1 2 ? 2.246   3.709   -8.732  1.00 27.77 ? 18  U   C O4    1 
ATOM   369 C C5    . U   C 1 2 ? 3.599   1.920   -9.496  1.00 21.92 ? 18  U   C C5    1 
ATOM   370 C C6    . U   C 1 2 ? 4.350   0.886   -9.114  1.00 20.14 ? 18  U   C C6    1 
ATOM   371 P P     . A   C 1 3 ? 2.501   -4.308  -8.458  1.00 31.79 ? 19  A   C P     1 
ATOM   372 O OP1   . A   C 1 3 ? 2.460   -5.794  -8.482  1.00 33.68 ? 19  A   C OP1   1 
ATOM   373 O OP2   . A   C 1 3 ? 1.857   -3.536  -9.562  1.00 31.92 ? 19  A   C OP2   1 
ATOM   374 O "O5'" . A   C 1 3 ? 1.884   -3.838  -7.072  1.00 28.31 ? 19  A   C "O5'" 1 
ATOM   375 C "C5'" . A   C 1 3 ? 2.332   -4.427  -5.850  1.00 20.54 ? 19  A   C "C5'" 1 
ATOM   376 C "C4'" . A   C 1 3 ? 1.643   -3.775  -4.690  1.00 23.35 ? 19  A   C "C4'" 1 
ATOM   377 O "O4'" . A   C 1 3 ? 2.070   -2.392  -4.604  1.00 24.56 ? 19  A   C "O4'" 1 
ATOM   378 C "C3'" . A   C 1 3 ? 0.136   -3.669  -4.816  1.00 23.53 ? 19  A   C "C3'" 1 
ATOM   379 O "O3'" . A   C 1 3 ? -0.514  -4.877  -4.461  1.00 27.07 ? 19  A   C "O3'" 1 
ATOM   380 C "C2'" . A   C 1 3 ? -0.167  -2.545  -3.838  1.00 24.46 ? 19  A   C "C2'" 1 
ATOM   381 O "O2'" . A   C 1 3 ? -0.119  -2.985  -2.492  1.00 16.44 ? 19  A   C "O2'" 1 
ATOM   382 C "C1'" . A   C 1 3 ? 1.001   -1.596  -4.120  1.00 22.57 ? 19  A   C "C1'" 1 
ATOM   383 N N9    . A   C 1 3 ? 0.718   -0.553  -5.112  1.00 19.36 ? 19  A   C N9    1 
ATOM   384 C C8    . A   C 1 3 ? 1.044   -0.541  -6.446  1.00 17.85 ? 19  A   C C8    1 
ATOM   385 N N7    . A   C 1 3 ? 0.699   0.565   -7.064  1.00 15.13 ? 19  A   C N7    1 
ATOM   386 C C5    . A   C 1 3 ? 0.100   1.327   -6.073  1.00 13.44 ? 19  A   C C5    1 
ATOM   387 C C6    . A   C 1 3 ? -0.460  2.610   -6.080  1.00 15.12 ? 19  A   C C6    1 
ATOM   388 N N6    . A   C 1 3 ? -0.491  3.400   -7.156  1.00 19.90 ? 19  A   C N6    1 
ATOM   389 N N1    . A   C 1 3 ? -0.985  3.072   -4.927  1.00 19.14 ? 19  A   C N1    1 
ATOM   390 C C2    . A   C 1 3 ? -0.932  2.297   -3.845  1.00 14.73 ? 19  A   C C2    1 
ATOM   391 N N3    . A   C 1 3 ? -0.420  1.081   -3.707  1.00 18.09 ? 19  A   C N3    1 
ATOM   392 C C4    . A   C 1 3 ? 0.086   0.646   -4.872  1.00 16.42 ? 19  A   C C4    1 
ATOM   393 P P     . U   C 1 4 ? -1.832  -5.328  -5.264  1.00 26.66 ? 20  U   C P     1 
ATOM   394 O OP1   . U   C 1 4 ? -2.102  -6.746  -4.899  1.00 30.83 ? 20  U   C OP1   1 
ATOM   395 O OP2   . U   C 1 4 ? -1.669  -4.951  -6.692  1.00 19.10 ? 20  U   C OP2   1 
ATOM   396 O "O5'" . U   C 1 4 ? -2.988  -4.416  -4.653  1.00 28.39 ? 20  U   C "O5'" 1 
ATOM   397 C "C5'" . U   C 1 4 ? -3.402  -4.575  -3.286  1.00 24.00 ? 20  U   C "C5'" 1 
ATOM   398 C "C4'" . U   C 1 4 ? -4.263  -3.414  -2.856  1.00 21.16 ? 20  U   C "C4'" 1 
ATOM   399 O "O4'" . U   C 1 4 ? -3.504  -2.180  -2.946  1.00 18.87 ? 20  U   C "O4'" 1 
ATOM   400 C "C3'" . U   C 1 4 ? -5.477  -3.119  -3.714  1.00 25.79 ? 20  U   C "C3'" 1 
ATOM   401 O "O3'" . U   C 1 4 ? -6.560  -3.991  -3.423  1.00 30.47 ? 20  U   C "O3'" 1 
ATOM   402 C "C2'" . U   C 1 4 ? -5.792  -1.696  -3.290  1.00 21.57 ? 20  U   C "C2'" 1 
ATOM   403 O "O2'" . U   C 1 4 ? -6.412  -1.661  -2.019  1.00 23.31 ? 20  U   C "O2'" 1 
ATOM   404 C "C1'" . U   C 1 4 ? -4.386  -1.099  -3.209  1.00 19.75 ? 20  U   C "C1'" 1 
ATOM   405 N N1    . U   C 1 4 ? -3.999  -0.476  -4.482  1.00 21.58 ? 20  U   C N1    1 
ATOM   406 C C2    . U   C 1 4 ? -4.344  0.849   -4.684  1.00 16.37 ? 20  U   C C2    1 
ATOM   407 O O2    . U   C 1 4 ? -4.928  1.520   -3.857  1.00 19.40 ? 20  U   C O2    1 
ATOM   408 N N3    . U   C 1 4 ? -3.978  1.362   -5.896  1.00 15.07 ? 20  U   C N3    1 
ATOM   409 C C4    . U   C 1 4 ? -3.322  0.710   -6.908  1.00 19.00 ? 20  U   C C4    1 
ATOM   410 O O4    . U   C 1 4 ? -3.096  1.310   -7.957  1.00 26.66 ? 20  U   C O4    1 
ATOM   411 C C5    . U   C 1 4 ? -2.989  -0.652  -6.628  1.00 12.20 ? 20  U   C C5    1 
ATOM   412 C C6    . U   C 1 4 ? -3.329  -1.183  -5.453  1.00 18.20 ? 20  U   C C6    1 
ATOM   413 P P     . A   C 1 5 ? -7.395  -4.638  -4.631  1.00 31.28 ? 21  A   C P     1 
ATOM   414 O OP1   . A   C 1 5 ? -8.362  -5.606  -4.054  1.00 36.40 ? 21  A   C OP1   1 
ATOM   415 O OP2   . A   C 1 5 ? -6.425  -5.086  -5.661  1.00 34.88 ? 21  A   C OP2   1 
ATOM   416 O "O5'" . A   C 1 5 ? -8.213  -3.420  -5.250  1.00 33.11 ? 21  A   C "O5'" 1 
ATOM   417 C "C5'" . A   C 1 5 ? -9.320  -2.860  -4.533  1.00 30.49 ? 21  A   C "C5'" 1 
ATOM   418 C "C4'" . A   C 1 5 ? -9.605  -1.443  -4.988  1.00 27.87 ? 21  A   C "C4'" 1 
ATOM   419 O "O4'" . A   C 1 5 ? -8.358  -0.690  -5.057  1.00 21.90 ? 21  A   C "O4'" 1 
ATOM   420 C "C3'" . A   C 1 5 ? -10.167 -1.197  -6.380  1.00 21.00 ? 21  A   C "C3'" 1 
ATOM   421 O "O3'" . A   C 1 5 ? -11.548 -1.524  -6.527  1.00 26.90 ? 21  A   C "O3'" 1 
ATOM   422 C "C2'" . A   C 1 5 ? -9.962  0.302   -6.468  1.00 18.30 ? 21  A   C "C2'" 1 
ATOM   423 O "O2'" . A   C 1 5 ? -10.825 0.989   -5.591  1.00 21.82 ? 21  A   C "O2'" 1 
ATOM   424 C "C1'" . A   C 1 5 ? -8.548  0.429   -5.911  1.00 18.46 ? 21  A   C "C1'" 1 
ATOM   425 N N9    . A   C 1 5 ? -7.574  0.403   -7.003  1.00 15.85 ? 21  A   C N9    1 
ATOM   426 C C8    . A   C 1 5 ? -6.727  -0.585  -7.446  1.00 12.89 ? 21  A   C C8    1 
ATOM   427 N N7    . A   C 1 5 ? -5.987  -0.221  -8.470  1.00 12.47 ? 21  A   C N7    1 
ATOM   428 C C5    . A   C 1 5 ? -6.372  1.094   -8.708  1.00 12.08 ? 21  A   C C5    1 
ATOM   429 C C6    . A   C 1 5 ? -5.950  2.059   -9.641  1.00 10.86 ? 21  A   C C6    1 
ATOM   430 N N6    . A   C 1 5 ? -4.968  1.864   -10.521 1.00 15.48 ? 21  A   C N6    1 
ATOM   431 N N1    . A   C 1 5 ? -6.564  3.262   -9.622  1.00 7.88  ? 21  A   C N1    1 
ATOM   432 C C2    . A   C 1 5 ? -7.513  3.486   -8.708  1.00 12.66 ? 21  A   C C2    1 
ATOM   433 N N3    . A   C 1 5 ? -7.976  2.676   -7.767  1.00 16.59 ? 21  A   C N3    1 
ATOM   434 C C4    . A   C 1 5 ? -7.358  1.482   -7.823  1.00 14.00 ? 21  A   C C4    1 
ATOM   435 P P     . C   C 1 6 ? -12.086 -2.059  -7.958  1.00 30.92 ? 22  C   C P     1 
ATOM   436 O OP1   . C   C 1 6 ? -13.416 -2.691  -7.737  1.00 34.56 ? 22  C   C OP1   1 
ATOM   437 O OP2   . C   C 1 6 ? -11.008 -2.838  -8.613  1.00 30.67 ? 22  C   C OP2   1 
ATOM   438 O "O5'" . C   C 1 6 ? -12.286 -0.736  -8.824  1.00 22.66 ? 22  C   C "O5'" 1 
ATOM   439 C "C5'" . C   C 1 6 ? -13.077 0.341   -8.306  1.00 20.86 ? 22  C   C "C5'" 1 
ATOM   440 C "C4'" . C   C 1 6 ? -12.786 1.631   -9.033  1.00 20.31 ? 22  C   C "C4'" 1 
ATOM   441 O "O4'" . C   C 1 6 ? -11.361 1.897   -9.024  1.00 18.47 ? 22  C   C "O4'" 1 
ATOM   442 C "C3'" . C   C 1 6 ? -13.133 1.701   -10.508 1.00 19.27 ? 22  C   C "C3'" 1 
ATOM   443 O "O3'" . C   C 1 6 ? -14.522 1.941   -10.670 1.00 20.29 ? 22  C   C "O3'" 1 
ATOM   444 C "C2'" . C   C 1 6 ? -12.321 2.917   -10.937 1.00 17.70 ? 22  C   C "C2'" 1 
ATOM   445 O "O2'" . C   C 1 6 ? -12.935 4.124   -10.528 1.00 14.68 ? 22  C   C "O2'" 1 
ATOM   446 C "C1'" . C   C 1 6 ? -11.036 2.720   -10.129 1.00 18.29 ? 22  C   C "C1'" 1 
ATOM   447 N N1    . C   C 1 6 ? -9.963  2.081   -10.898 1.00 17.71 ? 22  C   C N1    1 
ATOM   448 C C2    . C   C 1 6 ? -9.178  2.878   -11.712 1.00 19.49 ? 22  C   C C2    1 
ATOM   449 O O2    . C   C 1 6 ? -9.408  4.089   -11.755 1.00 26.76 ? 22  C   C O2    1 
ATOM   450 N N3    . C   C 1 6 ? -8.184  2.319   -12.429 1.00 19.32 ? 22  C   C N3    1 
ATOM   451 C C4    . C   C 1 6 ? -7.952  1.011   -12.338 1.00 13.15 ? 22  C   C C4    1 
ATOM   452 N N4    . C   C 1 6 ? -6.927  0.515   -13.032 1.00 19.26 ? 22  C   C N4    1 
ATOM   453 C C5    . C   C 1 6 ? -8.747  0.164   -11.519 1.00 14.55 ? 22  C   C C5    1 
ATOM   454 C C6    . C   C 1 6 ? -9.737  0.735   -10.819 1.00 19.25 ? 22  C   C C6    1 
ATOM   455 P P     . A   C 1 7 ? -15.354 1.100   -11.752 1.00 21.85 ? 23  A   C P     1 
ATOM   456 O OP1   . A   C 1 7 ? -16.767 1.120   -11.310 1.00 24.88 ? 23  A   C OP1   1 
ATOM   457 O OP2   . A   C 1 7 ? -14.675 -0.202  -11.987 1.00 20.11 ? 23  A   C OP2   1 
ATOM   458 O "O5'" . A   C 1 7 ? -15.222 1.963   -13.087 1.00 25.68 ? 23  A   C "O5'" 1 
ATOM   459 C "C5'" . A   C 1 7 ? -15.431 3.387   -13.068 1.00 19.36 ? 23  A   C "C5'" 1 
ATOM   460 C "C4'" . A   C 1 7 ? -14.588 4.060   -14.123 1.00 20.81 ? 23  A   C "C4'" 1 
ATOM   461 O "O4'" . A   C 1 7 ? -13.181 3.801   -13.890 1.00 26.82 ? 23  A   C "O4'" 1 
ATOM   462 C "C3'" . A   C 1 7 ? -14.783 3.581   -15.554 1.00 27.46 ? 23  A   C "C3'" 1 
ATOM   463 O "O3'" . A   C 1 7 ? -15.929 4.214   -16.128 1.00 29.88 ? 23  A   C "O3'" 1 
ATOM   464 C "C2'" . A   C 1 7 ? -13.497 4.052   -16.240 1.00 22.99 ? 23  A   C "C2'" 1 
ATOM   465 O "O2'" . A   C 1 7 ? -13.595 5.376   -16.717 1.00 32.54 ? 23  A   C "O2'" 1 
ATOM   466 C "C1'" . A   C 1 7 ? -12.483 4.038   -15.093 1.00 23.07 ? 23  A   C "C1'" 1 
ATOM   467 N N9    . A   C 1 7 ? -11.336 3.134   -15.229 1.00 24.11 ? 23  A   C N9    1 
ATOM   468 C C8    . A   C 1 7 ? -10.083 3.533   -15.647 1.00 24.32 ? 23  A   C C8    1 
ATOM   469 N N7    . A   C 1 7 ? -9.224  2.553   -15.777 1.00 24.64 ? 23  A   C N7    1 
ATOM   470 C C5    . A   C 1 7 ? -9.948  1.430   -15.401 1.00 25.76 ? 23  A   C C5    1 
ATOM   471 C C6    . A   C 1 7 ? -9.600  0.073   -15.336 1.00 22.42 ? 23  A   C C6    1 
ATOM   472 N N6    . A   C 1 7 ? -8.402  -0.397  -15.694 1.00 20.67 ? 23  A   C N6    1 
ATOM   473 N N1    . A   C 1 7 ? -10.538 -0.795  -14.897 1.00 29.35 ? 23  A   C N1    1 
ATOM   474 C C2    . A   C 1 7 ? -11.750 -0.317  -14.567 1.00 28.19 ? 23  A   C C2    1 
ATOM   475 N N3    . A   C 1 7 ? -12.203 0.938   -14.605 1.00 25.07 ? 23  A   C N3    1 
ATOM   476 C C4    . A   C 1 7 ? -11.245 1.774   -15.038 1.00 20.58 ? 23  A   C C4    1 
ATOM   477 P P     . DC  C 1 8 ? -16.793 3.457   -17.254 1.00 29.52 ? 24  DC  C P     1 
ATOM   478 O OP1   . DC  C 1 8 ? -18.150 3.203   -16.714 1.00 26.93 ? 24  DC  C OP1   1 
ATOM   479 O OP2   . DC  C 1 8 ? -15.987 2.332   -17.793 1.00 26.34 ? 24  DC  C OP2   1 
ATOM   480 O "O5'" . DC  C 1 8 ? -16.935 4.544   -18.410 1.00 32.77 ? 24  DC  C "O5'" 1 
ATOM   481 C "C5'" . DC  C 1 8 ? -15.850 4.793   -19.326 1.00 31.81 ? 24  DC  C "C5'" 1 
ATOM   482 C "C4'" . DC  C 1 8 ? -16.317 5.693   -20.447 1.00 33.85 ? 24  DC  C "C4'" 1 
ATOM   483 O "O4'" . DC  C 1 8 ? -17.316 4.994   -21.232 1.00 31.77 ? 24  DC  C "O4'" 1 
ATOM   484 C "C3'" . DC  C 1 8 ? -16.992 6.979   -19.966 1.00 33.77 ? 24  DC  C "C3'" 1 
ATOM   485 O "O3'" . DC  C 1 8 ? -16.903 8.048   -20.913 1.00 38.22 ? 24  DC  C "O3'" 1 
ATOM   486 C "C2'" . DC  C 1 8 ? -18.458 6.600   -19.955 1.00 27.69 ? 24  DC  C "C2'" 1 
ATOM   487 C "C1'" . DC  C 1 8 ? -18.544 5.705   -21.178 1.00 28.62 ? 24  DC  C "C1'" 1 
ATOM   488 N N1    . DC  C 1 8 ? -19.641 4.729   -21.121 1.00 30.38 ? 24  DC  C N1    1 
ATOM   489 C C2    . DC  C 1 8 ? -20.631 4.783   -22.102 1.00 26.98 ? 24  DC  C C2    1 
ATOM   490 O O2    . DC  C 1 8 ? -20.529 5.626   -23.002 1.00 29.19 ? 24  DC  C O2    1 
ATOM   491 N N3    . DC  C 1 8 ? -21.674 3.922   -22.043 1.00 25.41 ? 24  DC  C N3    1 
ATOM   492 C C4    . DC  C 1 8 ? -21.746 3.030   -21.054 1.00 26.42 ? 24  DC  C C4    1 
ATOM   493 N N4    . DC  C 1 8 ? -22.806 2.212   -21.021 1.00 24.32 ? 24  DC  C N4    1 
ATOM   494 C C5    . DC  C 1 8 ? -20.736 2.937   -20.048 1.00 30.23 ? 24  DC  C C5    1 
ATOM   495 C C6    . DC  C 1 8 ? -19.708 3.797   -20.122 1.00 30.15 ? 24  DC  C C6    1 
ATOM   496 O "O5'" . G   D 1 1 ? -0.987  8.142   -17.297 1.00 59.60 ? 25  G   D "O5'" 1 
ATOM   497 C "C5'" . G   D 1 1 ? -1.549  9.401   -17.665 1.00 47.45 ? 25  G   D "C5'" 1 
ATOM   498 C "C4'" . G   D 1 1 ? -3.028  9.430   -17.386 1.00 45.13 ? 25  G   D "C4'" 1 
ATOM   499 O "O4'" . G   D 1 1 ? -3.602  8.163   -17.793 1.00 39.50 ? 25  G   D "O4'" 1 
ATOM   500 C "C3'" . G   D 1 1 ? -3.427  9.553   -15.927 1.00 40.84 ? 25  G   D "C3'" 1 
ATOM   501 O "O3'" . G   D 1 1 ? -3.391  10.912  -15.509 1.00 40.36 ? 25  G   D "O3'" 1 
ATOM   502 C "C2'" . G   D 1 1 ? -4.845  8.998   -15.960 1.00 43.54 ? 25  G   D "C2'" 1 
ATOM   503 O "O2'" . G   D 1 1 ? -5.790  9.910   -16.493 1.00 40.55 ? 25  G   D "O2'" 1 
ATOM   504 C "C1'" . G   D 1 1 ? -4.690  7.842   -16.949 1.00 41.00 ? 25  G   D "C1'" 1 
ATOM   505 N N9    . G   D 1 1 ? -4.412  6.547   -16.335 1.00 41.01 ? 25  G   D N9    1 
ATOM   506 C C8    . G   D 1 1 ? -3.260  5.813   -16.464 1.00 39.47 ? 25  G   D C8    1 
ATOM   507 N N7    . G   D 1 1 ? -3.307  4.671   -15.831 1.00 35.03 ? 25  G   D N7    1 
ATOM   508 C C5    . G   D 1 1 ? -4.564  4.653   -15.242 1.00 34.14 ? 25  G   D C5    1 
ATOM   509 C C6    . G   D 1 1 ? -5.188  3.661   -14.441 1.00 31.75 ? 25  G   D C6    1 
ATOM   510 O O6    . G   D 1 1 ? -4.739  2.568   -14.079 1.00 26.81 ? 25  G   D O6    1 
ATOM   511 N N1    . G   D 1 1 ? -6.470  4.043   -14.059 1.00 31.34 ? 25  G   D N1    1 
ATOM   512 C C2    . G   D 1 1 ? -7.070  5.232   -14.388 1.00 29.74 ? 25  G   D C2    1 
ATOM   513 N N2    . G   D 1 1 ? -8.303  5.422   -13.899 1.00 24.48 ? 25  G   D N2    1 
ATOM   514 N N3    . G   D 1 1 ? -6.502  6.165   -15.138 1.00 32.22 ? 25  G   D N3    1 
ATOM   515 C C4    . G   D 1 1 ? -5.258  5.809   -15.531 1.00 36.66 ? 25  G   D C4    1 
ATOM   516 P P     . U   D 1 2 ? -2.985  11.264  -14.000 1.00 40.43 ? 26  U   D P     1 
ATOM   517 O OP1   . U   D 1 2 ? -2.701  12.730  -13.919 1.00 44.76 ? 26  U   D OP1   1 
ATOM   518 O OP2   . U   D 1 2 ? -1.940  10.292  -13.599 1.00 43.66 ? 26  U   D OP2   1 
ATOM   519 O "O5'" . U   D 1 2 ? -4.312  10.957  -13.173 1.00 31.81 ? 26  U   D "O5'" 1 
ATOM   520 C "C5'" . U   D 1 2 ? -5.524  11.661  -13.480 1.00 31.92 ? 26  U   D "C5'" 1 
ATOM   521 C "C4'" . U   D 1 2 ? -6.702  11.044  -12.767 1.00 25.85 ? 26  U   D "C4'" 1 
ATOM   522 O "O4'" . U   D 1 2 ? -6.945  9.713   -13.275 1.00 28.11 ? 26  U   D "O4'" 1 
ATOM   523 C "C3'" . U   D 1 2 ? -6.551  10.837  -11.277 1.00 26.21 ? 26  U   D "C3'" 1 
ATOM   524 O "O3'" . U   D 1 2 ? -6.843  12.037  -10.595 1.00 32.53 ? 26  U   D "O3'" 1 
ATOM   525 C "C2'" . U   D 1 2 ? -7.612  9.784   -11.008 1.00 22.72 ? 26  U   D "C2'" 1 
ATOM   526 O "O2'" . U   D 1 2 ? -8.911  10.335  -10.974 1.00 24.09 ? 26  U   D "O2'" 1 
ATOM   527 C "C1'" . U   D 1 2 ? -7.459  8.897   -12.240 1.00 21.44 ? 26  U   D "C1'" 1 
ATOM   528 N N1    . U   D 1 2 ? -6.504  7.807   -12.025 1.00 21.86 ? 26  U   D N1    1 
ATOM   529 C C2    . U   D 1 2 ? -6.934  6.717   -11.308 1.00 21.75 ? 26  U   D C2    1 
ATOM   530 O O2    . U   D 1 2 ? -8.056  6.634   -10.852 1.00 27.16 ? 26  U   D O2    1 
ATOM   531 N N3    . U   D 1 2 ? -5.999  5.726   -11.146 1.00 25.98 ? 26  U   D N3    1 
ATOM   532 C C4    . U   D 1 2 ? -4.700  5.725   -11.625 1.00 30.50 ? 26  U   D C4    1 
ATOM   533 O O4    . U   D 1 2 ? -3.985  4.734   -11.442 1.00 34.56 ? 26  U   D O4    1 
ATOM   534 C C5    . U   D 1 2 ? -4.331  6.906   -12.352 1.00 25.41 ? 26  U   D C5    1 
ATOM   535 C C6    . U   D 1 2 ? -5.226  7.881   -12.522 1.00 18.94 ? 26  U   D C6    1 
ATOM   536 P P     . A   D 1 3 ? -5.854  12.549  -9.449  1.00 32.97 ? 27  A   D P     1 
ATOM   537 O OP1   . A   D 1 3 ? -6.180  13.967  -9.155  1.00 41.30 ? 27  A   D OP1   1 
ATOM   538 O OP2   . A   D 1 3 ? -4.477  12.182  -9.874  1.00 38.57 ? 27  A   D OP2   1 
ATOM   539 O "O5'" . A   D 1 3 ? -6.268  11.677  -8.185  1.00 32.32 ? 27  A   D "O5'" 1 
ATOM   540 C "C5'" . A   D 1 3 ? -7.507  11.929  -7.507  1.00 27.17 ? 27  A   D "C5'" 1 
ATOM   541 C "C4'" . A   D 1 3 ? -7.750  10.887  -6.443  1.00 25.98 ? 27  A   D "C4'" 1 
ATOM   542 O "O4'" . A   D 1 3 ? -7.974  9.586   -7.051  1.00 27.42 ? 27  A   D "O4'" 1 
ATOM   543 C "C3'" . A   D 1 3 ? -6.598  10.608  -5.501  1.00 22.80 ? 27  A   D "C3'" 1 
ATOM   544 O "O3'" . A   D 1 3 ? -6.452  11.617  -4.517  1.00 22.81 ? 27  A   D "O3'" 1 
ATOM   545 C "C2'" . A   D 1 3 ? -7.029  9.281   -4.905  1.00 19.55 ? 27  A   D "C2'" 1 
ATOM   546 O "O2'" . A   D 1 3 ? -8.088  9.447   -3.984  1.00 24.04 ? 27  A   D "O2'" 1 
ATOM   547 C "C1'" . A   D 1 3 ? -7.558  8.570   -6.148  1.00 19.17 ? 27  A   D "C1'" 1 
ATOM   548 N N9    . A   D 1 3 ? -6.532  7.758   -6.797  1.00 16.94 ? 27  A   D N9    1 
ATOM   549 C C8    . A   D 1 3 ? -5.737  8.071   -7.871  1.00 13.15 ? 27  A   D C8    1 
ATOM   550 N N7    . A   D 1 3 ? -4.914  7.109   -8.217  1.00 15.88 ? 27  A   D N7    1 
ATOM   551 C C5    . A   D 1 3 ? -5.188  6.093   -7.308  1.00 14.36 ? 27  A   D C5    1 
ATOM   552 C C6    . A   D 1 3 ? -4.660  4.798   -7.140  1.00 7.10  ? 27  A   D C6    1 
ATOM   553 N N6    . A   D 1 3 ? -3.719  4.266   -7.918  1.00 14.20 ? 27  A   D N6    1 
ATOM   554 N N1    . A   D 1 3 ? -5.147  4.055   -6.131  1.00 11.77 ? 27  A   D N1    1 
ATOM   555 C C2    . A   D 1 3 ? -6.105  4.574   -5.352  1.00 13.44 ? 27  A   D C2    1 
ATOM   556 N N3    . A   D 1 3 ? -6.683  5.765   -5.414  1.00 15.22 ? 27  A   D N3    1 
ATOM   557 C C4    . A   D 1 3 ? -6.175  6.484   -6.427  1.00 8.91  ? 27  A   D C4    1 
ATOM   558 P P     . U   D 1 4 ? -4.983  12.138  -4.144  1.00 23.38 ? 28  U   D P     1 
ATOM   559 O OP1   . U   D 1 4 ? -5.122  13.461  -3.505  1.00 31.24 ? 28  U   D OP1   1 
ATOM   560 O OP2   . U   D 1 4 ? -4.128  11.985  -5.353  1.00 26.53 ? 28  U   D OP2   1 
ATOM   561 O "O5'" . U   D 1 4 ? -4.458  11.090  -3.065  1.00 25.10 ? 28  U   D "O5'" 1 
ATOM   562 C "C5'" . U   D 1 4 ? -5.240  10.783  -1.898  1.00 23.16 ? 28  U   D "C5'" 1 
ATOM   563 C "C4'" . U   D 1 4 ? -4.776  9.484   -1.289  1.00 24.19 ? 28  U   D "C4'" 1 
ATOM   564 O "O4'" . U   D 1 4 ? -5.060  8.388   -2.200  1.00 27.20 ? 28  U   D "O4'" 1 
ATOM   565 C "C3'" . U   D 1 4 ? -3.278  9.364   -1.064  1.00 25.90 ? 28  U   D "C3'" 1 
ATOM   566 O "O3'" . U   D 1 4 ? -2.861  10.025  0.119   1.00 26.68 ? 28  U   D "O3'" 1 
ATOM   567 C "C2'" . U   D 1 4 ? -3.103  7.854   -0.961  1.00 28.28 ? 28  U   D "C2'" 1 
ATOM   568 O "O2'" . U   D 1 4 ? -3.480  7.343   0.302   1.00 27.97 ? 28  U   D "O2'" 1 
ATOM   569 C "C1'" . U   D 1 4 ? -4.081  7.371   -2.036  1.00 25.29 ? 28  U   D "C1'" 1 
ATOM   570 N N1    . U   D 1 4 ? -3.411  7.151   -3.324  1.00 17.36 ? 28  U   D N1    1 
ATOM   571 C C2    . U   D 1 4 ? -2.835  5.920   -3.527  1.00 13.51 ? 28  U   D C2    1 
ATOM   572 O O2    . U   D 1 4 ? -2.872  5.038   -2.698  1.00 18.20 ? 28  U   D O2    1 
ATOM   573 N N3    . U   D 1 4 ? -2.209  5.764   -4.731  1.00 16.19 ? 28  U   D N3    1 
ATOM   574 C C4    . U   D 1 4 ? -2.101  6.696   -5.731  1.00 18.39 ? 28  U   D C4    1 
ATOM   575 O O4    . U   D 1 4 ? -1.440  6.426   -6.737  1.00 23.46 ? 28  U   D O4    1 
ATOM   576 C C5    . U   D 1 4 ? -2.733  7.947   -5.448  1.00 12.61 ? 28  U   D C5    1 
ATOM   577 C C6    . U   D 1 4 ? -3.353  8.125   -4.283  1.00 10.87 ? 28  U   D C6    1 
ATOM   578 P P     . A   D 1 5 ? -1.336  10.506  0.260   1.00 29.77 ? 29  A   D P     1 
ATOM   579 O OP1   . A   D 1 5 ? -1.223  11.228  1.553   1.00 35.42 ? 29  A   D OP1   1 
ATOM   580 O OP2   . A   D 1 5 ? -0.944  11.184  -1.000  1.00 29.49 ? 29  A   D OP2   1 
ATOM   581 O "O5'" . A   D 1 5 ? -0.494  9.154   0.376   1.00 29.40 ? 29  A   D "O5'" 1 
ATOM   582 C "C5'" . A   D 1 5 ? -0.460  8.409   1.609   1.00 23.04 ? 29  A   D "C5'" 1 
ATOM   583 C "C4'" . A   D 1 5 ? 0.379   7.158   1.457   1.00 24.38 ? 29  A   D "C4'" 1 
ATOM   584 O "O4'" . A   D 1 5 ? -0.162  6.333   0.391   1.00 24.76 ? 29  A   D "O4'" 1 
ATOM   585 C "C3'" . A   D 1 5 ? 1.838   7.336   1.063   1.00 25.82 ? 29  A   D "C3'" 1 
ATOM   586 O "O3'" . A   D 1 5 ? 2.633   7.656   2.203   1.00 30.64 ? 29  A   D "O3'" 1 
ATOM   587 C "C2'" . A   D 1 5 ? 2.177   5.952   0.521   1.00 23.23 ? 29  A   D "C2'" 1 
ATOM   588 O "O2'" . A   D 1 5 ? 2.355   4.993   1.542   1.00 27.39 ? 29  A   D "O2'" 1 
ATOM   589 C "C1'" . A   D 1 5 ? 0.891   5.595   -0.218  1.00 22.39 ? 29  A   D "C1'" 1 
ATOM   590 N N9    . A   D 1 5 ? 0.931   5.921   -1.644  1.00 20.56 ? 29  A   D N9    1 
ATOM   591 C C8    . A   D 1 5 ? 0.442   7.041   -2.264  1.00 15.59 ? 29  A   D C8    1 
ATOM   592 N N7    . A   D 1 5 ? 0.616   7.045   -3.563  1.00 21.11 ? 29  A   D N7    1 
ATOM   593 C C5    . A   D 1 5 ? 1.266   5.845   -3.817  1.00 15.04 ? 29  A   D C5    1 
ATOM   594 C C6    . A   D 1 5 ? 1.725   5.254   -5.007  1.00 18.47 ? 29  A   D C6    1 
ATOM   595 N N6    . A   D 1 5 ? 1.585   5.811   -6.211  1.00 16.71 ? 29  A   D N6    1 
ATOM   596 N N1    . A   D 1 5 ? 2.336   4.054   -4.915  1.00 21.82 ? 29  A   D N1    1 
ATOM   597 C C2    . A   D 1 5 ? 2.473   3.494   -3.704  1.00 20.11 ? 29  A   D C2    1 
ATOM   598 N N3    . A   D 1 5 ? 2.079   3.948   -2.518  1.00 17.57 ? 29  A   D N3    1 
ATOM   599 C C4    . A   D 1 5 ? 1.473   5.144   -2.644  1.00 18.92 ? 29  A   D C4    1 
ATOM   600 P P     . C   D 1 6 ? 3.958   8.549   2.034   1.00 29.19 ? 30  C   D P     1 
ATOM   601 O OP1   . C   D 1 6 ? 4.370   8.972   3.393   1.00 32.16 ? 30  C   D OP1   1 
ATOM   602 O OP2   . C   D 1 6 ? 3.708   9.566   0.987   1.00 33.30 ? 30  C   D OP2   1 
ATOM   603 O "O5'" . C   D 1 6 ? 5.041   7.550   1.443   1.00 31.13 ? 30  C   D "O5'" 1 
ATOM   604 C "C5'" . C   D 1 6 ? 5.414   6.366   2.156   1.00 37.22 ? 30  C   D "C5'" 1 
ATOM   605 C "C4'" . C   D 1 6 ? 6.115   5.410   1.225   1.00 37.34 ? 30  C   D "C4'" 1 
ATOM   606 O "O4'" . C   D 1 6 ? 5.227   5.127   0.111   1.00 34.43 ? 30  C   D "O4'" 1 
ATOM   607 C "C3'" . C   D 1 6 ? 7.362   5.952   0.544   1.00 40.92 ? 30  C   D "C3'" 1 
ATOM   608 O "O3'" . C   D 1 6 ? 8.498   5.849   1.396   1.00 45.59 ? 30  C   D "O3'" 1 
ATOM   609 C "C2'" . C   D 1 6 ? 7.470   5.050   -0.682  1.00 38.46 ? 30  C   D "C2'" 1 
ATOM   610 O "O2'" . C   D 1 6 ? 8.054   3.795   -0.399  1.00 43.84 ? 30  C   D "O2'" 1 
ATOM   611 C "C1'" . C   D 1 6 ? 5.996   4.852   -1.045  1.00 30.71 ? 30  C   D "C1'" 1 
ATOM   612 N N1    . C   D 1 6 ? 5.535   5.714   -2.145  1.00 23.43 ? 30  C   D N1    1 
ATOM   613 C C2    . C   D 1 6 ? 5.847   5.337   -3.440  1.00 22.02 ? 30  C   D C2    1 
ATOM   614 O O2    . C   D 1 6 ? 6.524   4.313   -3.614  1.00 28.69 ? 30  C   D O2    1 
ATOM   615 N N3    . C   D 1 6 ? 5.418   6.086   -4.473  1.00 24.81 ? 30  C   D N3    1 
ATOM   616 C C4    . C   D 1 6 ? 4.713   7.188   -4.246  1.00 21.00 ? 30  C   D C4    1 
ATOM   617 N N4    . C   D 1 6 ? 4.303   7.886   -5.311  1.00 23.96 ? 30  C   D N4    1 
ATOM   618 C C5    . C   D 1 6 ? 4.393   7.617   -2.926  1.00 19.48 ? 30  C   D C5    1 
ATOM   619 C C6    . C   D 1 6 ? 4.818   6.853   -1.911  1.00 17.38 ? 30  C   D C6    1 
ATOM   620 P P     . A   D 1 7 ? 9.647   6.972   1.349   1.00 52.18 ? 31  A   D P     1 
ATOM   621 O OP1   . A   D 1 7 ? 10.524  6.765   2.526   1.00 57.54 ? 31  A   D OP1   1 
ATOM   622 O OP2   . A   D 1 7 ? 9.000   8.297   1.145   1.00 49.30 ? 31  A   D OP2   1 
ATOM   623 O "O5'" . A   D 1 7 ? 10.496  6.601   0.049   1.00 56.59 ? 31  A   D "O5'" 1 
ATOM   624 C "C5'" . A   D 1 7 ? 11.199  5.341   -0.037  1.00 60.16 ? 31  A   D "C5'" 1 
ATOM   625 C "C4'" . A   D 1 7 ? 11.676  5.102   -1.451  1.00 60.86 ? 31  A   D "C4'" 1 
ATOM   626 O "O4'" . A   D 1 7 ? 10.526  4.976   -2.327  1.00 60.08 ? 31  A   D "O4'" 1 
ATOM   627 C "C3'" . A   D 1 7 ? 12.530  6.206   -2.057  1.00 62.81 ? 31  A   D "C3'" 1 
ATOM   628 O "O3'" . A   D 1 7 ? 13.907  5.960   -1.757  1.00 63.89 ? 31  A   D "O3'" 1 
ATOM   629 C "C2'" . A   D 1 7 ? 12.256  6.046   -3.548  1.00 62.54 ? 31  A   D "C2'" 1 
ATOM   630 O "O2'" . A   D 1 7 ? 13.013  4.999   -4.120  1.00 68.29 ? 31  A   D "O2'" 1 
ATOM   631 C "C1'" . A   D 1 7 ? 10.780  5.640   -3.548  1.00 58.24 ? 31  A   D "C1'" 1 
ATOM   632 N N9    . A   D 1 7 ? 9.848   6.762   -3.631  1.00 53.21 ? 31  A   D N9    1 
ATOM   633 C C8    . A   D 1 7 ? 9.556   7.682   -2.657  1.00 49.65 ? 31  A   D C8    1 
ATOM   634 N N7    . A   D 1 7 ? 8.652   8.560   -3.015  1.00 43.50 ? 31  A   D N7    1 
ATOM   635 C C5    . A   D 1 7 ? 8.336   8.200   -4.315  1.00 46.20 ? 31  A   D C5    1 
ATOM   636 C C6    . A   D 1 7 ? 7.449   8.746   -5.266  1.00 47.06 ? 31  A   D C6    1 
ATOM   637 N N6    . A   D 1 7 ? 6.688   9.827   -5.045  1.00 38.22 ? 31  A   D N6    1 
ATOM   638 N N1    . A   D 1 7 ? 7.375   8.141   -6.469  1.00 47.01 ? 31  A   D N1    1 
ATOM   639 C C2    . A   D 1 7 ? 8.145   7.072   -6.700  1.00 49.85 ? 31  A   D C2    1 
ATOM   640 N N3    . A   D 1 7 ? 9.019   6.472   -5.896  1.00 50.35 ? 31  A   D N3    1 
ATOM   641 C C4    . A   D 1 7 ? 9.067   7.091   -4.708  1.00 48.48 ? 31  A   D C4    1 
ATOM   642 P P     . DC  D 1 8 ? 14.904  7.190   -1.442  1.00 63.78 ? 32  DC  D P     1 
ATOM   643 O OP1   . DC  D 1 8 ? 14.519  7.798   -0.144  1.00 64.07 ? 32  DC  D OP1   1 
ATOM   644 O OP2   . DC  D 1 8 ? 14.988  8.044   -2.650  1.00 68.87 ? 32  DC  D OP2   1 
ATOM   645 O "O5'" . DC  D 1 8 ? 16.296  6.459   -1.233  1.00 55.64 ? 32  DC  D "O5'" 1 
ATOM   646 C "C5'" . DC  D 1 8 ? 16.806  6.214   0.084   1.00 50.68 ? 32  DC  D "C5'" 1 
ATOM   647 C "C4'" . DC  D 1 8 ? 17.217  4.767   0.231   1.00 45.03 ? 32  DC  D "C4'" 1 
ATOM   648 O "O4'" . DC  D 1 8 ? 16.233  4.012   0.980   1.00 40.32 ? 32  DC  D "O4'" 1 
ATOM   649 C "C3'" . DC  D 1 8 ? 17.439  4.008   -1.082  1.00 42.88 ? 32  DC  D "C3'" 1 
ATOM   650 O "O3'" . DC  D 1 8 ? 18.615  3.200   -1.055  1.00 44.67 ? 32  DC  D "O3'" 1 
ATOM   651 C "C2'" . DC  D 1 8 ? 16.263  3.051   -1.131  1.00 40.15 ? 32  DC  D "C2'" 1 
ATOM   652 C "C1'" . DC  D 1 8 ? 16.053  2.764   0.341   1.00 36.83 ? 32  DC  D "C1'" 1 
ATOM   653 N N1    . DC  D 1 8 ? 14.716  2.256   0.686   1.00 35.69 ? 32  DC  D N1    1 
ATOM   654 C C2    . DC  D 1 8 ? 14.497  1.710   1.963   1.00 35.59 ? 32  DC  D C2    1 
ATOM   655 O O2    . DC  D 1 8 ? 15.422  1.720   2.796   1.00 25.44 ? 32  DC  D O2    1 
ATOM   656 N N3    . DC  D 1 8 ? 13.282  1.192   2.257   1.00 36.51 ? 32  DC  D N3    1 
ATOM   657 C C4    . DC  D 1 8 ? 12.304  1.220   1.346   1.00 40.04 ? 32  DC  D C4    1 
ATOM   658 N N4    . DC  D 1 8 ? 11.122  0.690   1.678   1.00 41.02 ? 32  DC  D N4    1 
ATOM   659 C C5    . DC  D 1 8 ? 12.493  1.793   0.054   1.00 38.95 ? 32  DC  D C5    1 
ATOM   660 C C6    . DC  D 1 8 ? 13.702  2.294   -0.230  1.00 38.31 ? 32  DC  D C6    1 
HETATM 661 O O     . HOH E 2 . ? 17.676  -16.474 9.891   1.00 43.13 ? 100 HOH A O     1 
HETATM 662 O O     . HOH E 2 . ? 13.938  -8.835  6.267   1.00 29.22 ? 101 HOH A O     1 
HETATM 663 O O     . HOH E 2 . ? 4.316   -5.377  -3.316  1.00 27.19 ? 103 HOH A O     1 
HETATM 664 O O     . HOH E 2 . ? -10.868 -6.246  12.004  1.00 65.21 ? 107 HOH A O     1 
HETATM 665 O O     . HOH E 2 . ? -0.158  -10.310 2.198   1.00 34.84 ? 109 HOH A O     1 
HETATM 666 O O     . HOH E 2 . ? -6.573  -2.112  2.101   1.00 53.32 ? 110 HOH A O     1 
HETATM 667 O O     . HOH E 2 . ? 1.459   -12.760 5.952   1.00 40.17 ? 116 HOH A O     1 
HETATM 668 O O     . HOH E 2 . ? -0.090  -13.116 3.287   1.00 46.44 ? 117 HOH A O     1 
HETATM 669 O O     . HOH E 2 . ? 1.498   -10.020 4.544   1.00 34.17 ? 118 HOH A O     1 
HETATM 670 O O     . HOH E 2 . ? -5.585  0.834   4.965   1.00 59.71 ? 131 HOH A O     1 
HETATM 671 O O     . HOH E 2 . ? -3.332  -6.544  7.336   1.00 58.86 ? 137 HOH A O     1 
HETATM 672 O O     . HOH E 2 . ? 4.159   -11.745 2.409   1.00 51.26 ? 138 HOH A O     1 
HETATM 673 O O     . HOH E 2 . ? 4.552   -1.795  1.738   1.00 49.43 ? 142 HOH A O     1 
HETATM 674 O O     . HOH E 2 . ? 14.227  -6.571  4.833   1.00 49.84 ? 149 HOH A O     1 
HETATM 675 O O     . HOH E 2 . ? 16.274  -17.099 4.364   1.00 57.43 ? 150 HOH A O     1 
HETATM 676 O O     . HOH E 2 . ? 14.534  -10.159 3.643   1.00 51.14 ? 151 HOH A O     1 
HETATM 677 O O     . HOH E 2 . ? 13.116  -10.982 0.872   1.00 42.40 ? 152 HOH A O     1 
HETATM 678 O O     . HOH E 2 . ? 10.206  -11.954 -2.317  1.00 58.61 ? 153 HOH A O     1 
HETATM 679 O O     . HOH E 2 . ? -9.007  -7.800  1.194   1.00 58.36 ? 159 HOH A O     1 
HETATM 680 O O     . HOH F 2 . ? 3.732   -3.151  12.423  1.00 59.46 ? 102 HOH B O     1 
HETATM 681 O O     . HOH F 2 . ? 0.176   -1.378  12.145  1.00 55.60 ? 104 HOH B O     1 
HETATM 682 O O     . HOH F 2 . ? 5.321   0.286   12.290  1.00 50.66 ? 105 HOH B O     1 
HETATM 683 O O     . HOH F 2 . ? 7.596   7.874   9.409   1.00 53.67 ? 108 HOH B O     1 
HETATM 684 O O     . HOH F 2 . ? -8.454  4.755   2.245   1.00 36.50 ? 111 HOH B O     1 
HETATM 685 O O     . HOH F 2 . ? 8.101   5.617   4.764   1.00 39.00 ? 124 HOH B O     1 
HETATM 686 O O     . HOH F 2 . ? 8.114   -7.839  19.617  1.00 34.96 ? 127 HOH B O     1 
HETATM 687 O O     . HOH F 2 . ? 7.982   0.911   3.336   1.00 55.85 ? 134 HOH B O     1 
HETATM 688 O O     . HOH F 2 . ? 7.915   -1.307  4.966   1.00 30.25 ? 135 HOH B O     1 
HETATM 689 O O     . HOH F 2 . ? 3.682   2.519   2.586   1.00 34.23 ? 136 HOH B O     1 
HETATM 690 O O     . HOH F 2 . ? -9.090  3.543   6.341   1.00 52.17 ? 139 HOH B O     1 
HETATM 691 O O     . HOH F 2 . ? 8.625   -0.871  20.002  1.00 64.66 ? 147 HOH B O     1 
HETATM 692 O O     . HOH F 2 . ? 7.718   -0.903  17.467  1.00 42.78 ? 148 HOH B O     1 
HETATM 693 O O     . HOH G 2 . ? 1.091   -11.965 -4.465  1.00 49.26 ? 106 HOH C O     1 
HETATM 694 O O     . HOH G 2 . ? -10.467 -5.797  -2.318  1.00 35.68 ? 112 HOH C O     1 
HETATM 695 O O     . HOH G 2 . ? -11.355 -5.468  -5.449  1.00 54.18 ? 113 HOH C O     1 
HETATM 696 O O     . HOH G 2 . ? 4.234   -7.320  -7.272  1.00 52.54 ? 114 HOH C O     1 
HETATM 697 O O     . HOH G 2 . ? 6.818   -5.958  -6.997  1.00 49.75 ? 119 HOH C O     1 
HETATM 698 O O     . HOH G 2 . ? 6.600   -10.400 -7.318  1.00 50.53 ? 120 HOH C O     1 
HETATM 699 O O     . HOH G 2 . ? -11.185 -2.783  -11.513 1.00 45.94 ? 125 HOH C O     1 
HETATM 700 O O     . HOH G 2 . ? -2.331  -0.120  -10.617 1.00 47.17 ? 126 HOH C O     1 
HETATM 701 O O     . HOH G 2 . ? -0.255  -1.330  -0.208  1.00 49.81 ? 132 HOH C O     1 
HETATM 702 O O     . HOH G 2 . ? 3.450   -1.353  -1.594  1.00 47.00 ? 140 HOH C O     1 
HETATM 703 O O     . HOH G 2 . ? -14.666 -3.741  -10.528 1.00 57.52 ? 154 HOH C O     1 
HETATM 704 O O     . HOH G 2 . ? 7.856   -3.788  -14.028 1.00 41.28 ? 155 HOH C O     1 
HETATM 705 O O     . HOH G 2 . ? -4.826  -8.174  -3.662  1.00 47.55 ? 156 HOH C O     1 
HETATM 706 O O     . HOH G 2 . ? -0.665  -9.292  -3.379  1.00 40.41 ? 157 HOH C O     1 
HETATM 707 O O     . HOH G 2 . ? 11.255  -3.394  -13.946 1.00 66.79 ? 158 HOH C O     1 
HETATM 708 O O     . HOH G 2 . ? -7.194  -3.665  -0.645  1.00 44.66 ? 160 HOH C O     1 
HETATM 709 O O     . HOH G 2 . ? -8.006  -6.225  -1.278  1.00 49.11 ? 162 HOH C O     1 
HETATM 710 O O     . HOH H 2 . ? 8.675   0.322   -0.580  1.00 49.82 ? 115 HOH D O     1 
HETATM 711 O O     . HOH H 2 . ? 2.145   12.270  1.881   1.00 47.70 ? 121 HOH D O     1 
HETATM 712 O O     . HOH H 2 . ? 5.600   11.415  -0.981  1.00 45.65 ? 122 HOH D O     1 
HETATM 713 O O     . HOH H 2 . ? 2.555   10.139  -4.645  1.00 37.02 ? 123 HOH D O     1 
HETATM 714 O O     . HOH H 2 . ? -0.757  12.683  3.731   1.00 60.92 ? 128 HOH D O     1 
HETATM 715 O O     . HOH H 2 . ? -4.287  9.706   3.169   1.00 57.74 ? 129 HOH D O     1 
HETATM 716 O O     . HOH H 2 . ? -5.614  12.671  0.774   1.00 48.99 ? 130 HOH D O     1 
HETATM 717 O O     . HOH H 2 . ? 7.531   10.624  2.138   1.00 52.40 ? 133 HOH D O     1 
HETATM 718 O O     . HOH H 2 . ? 6.283   1.196   1.099   1.00 56.05 ? 141 HOH D O     1 
HETATM 719 O O     . HOH H 2 . ? -9.336  11.980  -3.126  1.00 55.80 ? 143 HOH D O     1 
HETATM 720 O O     . HOH H 2 . ? -7.182  13.662  -1.552  1.00 60.01 ? 144 HOH D O     1 
HETATM 721 O O     . HOH H 2 . ? -1.116  10.327  -8.552  1.00 40.05 ? 145 HOH D O     1 
HETATM 722 O O     . HOH H 2 . ? -2.339  7.741   -9.250  1.00 34.62 ? 146 HOH D O     1 
HETATM 723 O O     . HOH H 2 . ? 10.354  2.002   4.214   1.00 76.58 ? 161 HOH D O     1 
# 
